data_5XQK
#
_entry.id   5XQK
#
_cell.length_a   100.709
_cell.length_b   183.724
_cell.length_c   98.856
_cell.angle_alpha   90.00
_cell.angle_beta   90.00
_cell.angle_gamma   90.00
#
_symmetry.space_group_name_H-M   'C 2 2 21'
#
loop_
_entity.id
_entity.type
_entity.pdbx_description
1 polymer Transketolase
2 non-polymer '2-C-{3-[(4-amino-2-methylpyrimidin-5-yl)methyl]-5-(2-{[(R)-hydroxy(phosphonooxy)phosphoryl]oxy}ethyl)-4-methyl-1,3-thia zol-3-ium-2-yl}-5-O-phosphono-D-xylitol'
3 non-polymer 'CALCIUM ION'
4 non-polymer DI(HYDROXYETHYL)ETHER
5 water water
#
_entity_poly.entity_id   1
_entity_poly.type   'polypeptide(L)'
_entity_poly.pdbx_seq_one_letter_code
;MGSSHHHHHHSSGLVPRGSHMSSVDQKAISTIRLLAVDAVAAANSGHPGAPLGLAPAAHAVFKKMRFNPKDTKWINRDRF
VLSNGHACALLYSMLVLYGYDLTVEDLKKFRQLGSKTPGHPENTDVPGAEVTTGPLGQGICNGVGIALAQAQFAATYNKP
DFPISDSYTYVFLGDGCLMEGVSSEASSLAGHLQLGNLIAFWDDNKISIDGSTEVAFTEDVIARYKSYGWHIVEVSDADT
DITAIAAAIDEAKKVTNKPTLVRLTTTIGFGSLAQGTHGVHGAPLKADDIKQLKTKWGFNPEESFAVPAEVTASYNEHVA
ENQKIQQQWNELFAAYKQKYPELGAELQRRLDGKLPENWDKALPVYTPADAAVATRKLSEIVLSKIIPEVPEIIGGSADL
TPSNLTKAKGTVDFQPAATGLGDYSGRYIRYGVREHAMGAIMNGIAAFGANYKNYGGTFLNFVSYAAGAVRLSALSEFPI
TWVATHDSIGLGEDGPTHQPIETLAHFRATPNISVWRPADGNETSAAYKSAIESTHTPHILALTRQNLPQLEGSSIEKAS
KGGYTLVQQDKADIIIVATGSEVSLAVDALKVLEGQGIKAGVVSLPDQLTFDKQSEEYKLSVLPDGVPILSVEVMSTFGW
SKYSHQQFGLNRFGASGKAPEIFKLFEFTPEGVAERAAKTVAFYKGKDVVSPLRSAF
;
_entity_poly.pdbx_strand_id   A
#
# COMPACT_ATOMS: atom_id res chain seq x y z
N SER A 23 -37.73 4.11 -18.50
CA SER A 23 -36.50 4.68 -19.12
C SER A 23 -35.36 3.64 -19.08
N VAL A 24 -34.41 3.81 -19.97
CA VAL A 24 -33.27 2.91 -20.00
C VAL A 24 -32.40 3.12 -18.75
N ASP A 25 -32.31 4.35 -18.26
CA ASP A 25 -31.59 4.60 -17.00
C ASP A 25 -32.20 3.82 -15.84
N GLN A 26 -33.54 3.86 -15.74
CA GLN A 26 -34.23 3.11 -14.69
C GLN A 26 -33.98 1.60 -14.85
N LYS A 27 -34.02 1.11 -16.09
CA LYS A 27 -33.75 -0.30 -16.35
C LYS A 27 -32.32 -0.68 -15.99
N ALA A 28 -31.37 0.20 -16.28
CA ALA A 28 -29.98 -0.06 -15.90
C ALA A 28 -29.82 -0.18 -14.40
N ILE A 29 -30.43 0.75 -13.66
CA ILE A 29 -30.35 0.74 -12.21
C ILE A 29 -30.96 -0.55 -11.64
N SER A 30 -32.12 -0.93 -12.14
CA SER A 30 -32.72 -2.20 -11.74
C SER A 30 -31.83 -3.41 -12.07
N THR A 31 -31.22 -3.38 -13.25
CA THR A 31 -30.32 -4.46 -13.66
C THR A 31 -29.16 -4.61 -12.68
N ILE A 32 -28.54 -3.47 -12.34
CA ILE A 32 -27.43 -3.44 -11.39
C ILE A 32 -27.86 -4.04 -10.06
N ARG A 33 -28.97 -3.53 -9.54
CA ARG A 33 -29.50 -4.00 -8.24
C ARG A 33 -29.72 -5.49 -8.24
N LEU A 34 -30.36 -5.99 -9.29
CA LEU A 34 -30.72 -7.39 -9.35
C LEU A 34 -29.53 -8.31 -9.63
N LEU A 35 -28.56 -7.86 -10.42
CA LEU A 35 -27.31 -8.62 -10.56
C LEU A 35 -26.65 -8.79 -9.22
N ALA A 36 -26.60 -7.71 -8.44
CA ALA A 36 -25.92 -7.76 -7.14
C ALA A 36 -26.64 -8.72 -6.20
N VAL A 37 -27.96 -8.60 -6.15
N VAL A 37 -27.98 -8.63 -6.09
CA VAL A 37 -28.77 -9.45 -5.30
CA VAL A 37 -28.69 -9.54 -5.18
C VAL A 37 -28.66 -10.91 -5.70
C VAL A 37 -28.67 -10.98 -5.68
N ASP A 38 -28.68 -11.18 -7.00
CA ASP A 38 -28.58 -12.55 -7.52
C ASP A 38 -27.18 -13.17 -7.26
N ALA A 39 -26.14 -12.34 -7.31
CA ALA A 39 -24.79 -12.80 -7.01
C ALA A 39 -24.70 -13.26 -5.55
N VAL A 40 -25.21 -12.43 -4.65
CA VAL A 40 -25.26 -12.77 -3.23
C VAL A 40 -26.09 -14.05 -3.01
N ALA A 41 -27.22 -14.14 -3.72
CA ALA A 41 -28.10 -15.30 -3.59
C ALA A 41 -27.41 -16.59 -4.01
N ALA A 42 -26.67 -16.53 -5.12
CA ALA A 42 -25.98 -17.71 -5.64
C ALA A 42 -24.90 -18.22 -4.69
N ALA A 43 -24.20 -17.28 -4.07
CA ALA A 43 -23.17 -17.61 -3.08
C ALA A 43 -23.76 -18.02 -1.75
N ASN A 44 -25.01 -17.61 -1.50
CA ASN A 44 -25.60 -17.66 -0.16
C ASN A 44 -24.67 -17.01 0.87
N SER A 45 -24.09 -15.89 0.44
CA SER A 45 -23.10 -15.18 1.24
C SER A 45 -22.92 -13.81 0.61
N GLY A 46 -22.73 -12.79 1.45
CA GLY A 46 -22.40 -11.45 1.00
C GLY A 46 -23.44 -10.41 1.36
N HIS A 47 -23.28 -9.23 0.75
CA HIS A 47 -23.83 -7.99 1.27
C HIS A 47 -24.70 -7.32 0.21
N PRO A 48 -26.03 -7.45 0.32
CA PRO A 48 -26.91 -6.87 -0.68
C PRO A 48 -27.34 -5.43 -0.40
N GLY A 49 -27.21 -4.98 0.84
CA GLY A 49 -27.83 -3.72 1.25
C GLY A 49 -27.28 -2.48 0.56
N ALA A 50 -25.98 -2.26 0.71
CA ALA A 50 -25.36 -1.10 0.10
C ALA A 50 -25.41 -1.15 -1.43
N PRO A 51 -25.24 -2.33 -2.06
CA PRO A 51 -25.44 -2.36 -3.52
C PRO A 51 -26.83 -1.88 -3.96
N LEU A 52 -27.87 -2.30 -3.24
CA LEU A 52 -29.22 -1.80 -3.55
C LEU A 52 -29.34 -0.30 -3.38
N GLY A 53 -28.76 0.23 -2.30
CA GLY A 53 -28.84 1.66 -2.03
C GLY A 53 -28.01 2.53 -2.94
N LEU A 54 -26.89 2.00 -3.43
CA LEU A 54 -25.93 2.78 -4.21
C LEU A 54 -26.02 2.57 -5.71
N ALA A 55 -26.90 1.68 -6.18
CA ALA A 55 -26.99 1.47 -7.62
C ALA A 55 -27.28 2.74 -8.42
N PRO A 56 -28.22 3.61 -7.96
CA PRO A 56 -28.44 4.85 -8.72
C PRO A 56 -27.18 5.71 -8.84
N ALA A 57 -26.48 5.88 -7.72
CA ALA A 57 -25.23 6.65 -7.73
C ALA A 57 -24.17 5.99 -8.59
N ALA A 58 -24.03 4.66 -8.52
CA ALA A 58 -23.04 3.97 -9.35
C ALA A 58 -23.35 4.19 -10.83
N HIS A 59 -24.61 4.04 -11.19
CA HIS A 59 -25.02 4.29 -12.57
C HIS A 59 -24.63 5.72 -13.00
N ALA A 60 -24.97 6.71 -12.19
CA ALA A 60 -24.71 8.11 -12.52
C ALA A 60 -23.21 8.41 -12.63
N VAL A 61 -22.43 7.91 -11.67
CA VAL A 61 -21.00 8.16 -11.65
C VAL A 61 -20.30 7.50 -12.83
N PHE A 62 -20.62 6.22 -13.10
CA PHE A 62 -19.95 5.56 -14.23
C PHE A 62 -20.31 6.22 -15.56
N LYS A 63 -21.52 6.77 -15.68
CA LYS A 63 -21.86 7.53 -16.90
C LYS A 63 -21.01 8.78 -17.10
N LYS A 64 -20.58 9.40 -16.01
CA LYS A 64 -19.71 10.57 -16.07
C LYS A 64 -18.23 10.20 -16.22
N MET A 65 -17.85 8.99 -15.88
N MET A 65 -17.84 8.99 -15.85
CA MET A 65 -16.45 8.57 -15.87
CA MET A 65 -16.45 8.57 -15.88
C MET A 65 -15.93 8.19 -17.24
C MET A 65 -15.96 8.30 -17.30
N ARG A 66 -14.67 8.57 -17.48
CA ARG A 66 -13.93 8.19 -18.69
C ARG A 66 -13.05 6.98 -18.34
N PHE A 67 -13.23 5.89 -19.07
CA PHE A 67 -12.53 4.64 -18.83
C PHE A 67 -12.66 3.77 -20.06
N ASN A 68 -11.71 2.85 -20.22
CA ASN A 68 -11.75 1.88 -21.29
C ASN A 68 -11.74 0.48 -20.69
N PRO A 69 -12.85 -0.27 -20.76
CA PRO A 69 -12.86 -1.64 -20.25
C PRO A 69 -11.83 -2.54 -20.91
N LYS A 70 -11.39 -2.19 -22.12
CA LYS A 70 -10.38 -2.95 -22.85
C LYS A 70 -8.96 -2.44 -22.60
N ASP A 71 -8.81 -1.37 -21.82
CA ASP A 71 -7.49 -0.90 -21.41
C ASP A 71 -7.60 -0.30 -20.02
N THR A 72 -7.48 -1.19 -19.04
CA THR A 72 -7.62 -0.82 -17.65
C THR A 72 -6.51 0.09 -17.14
N LYS A 73 -5.43 0.23 -17.90
CA LYS A 73 -4.28 1.02 -17.46
C LYS A 73 -4.12 2.36 -18.18
N TRP A 74 -5.09 2.76 -19.00
CA TRP A 74 -5.04 4.09 -19.64
C TRP A 74 -4.77 5.15 -18.57
N ILE A 75 -3.68 5.92 -18.72
CA ILE A 75 -3.21 6.70 -17.59
C ILE A 75 -4.08 7.91 -17.29
N ASN A 76 -4.88 8.33 -18.28
CA ASN A 76 -5.79 9.46 -18.09
C ASN A 76 -7.23 9.04 -17.83
N ARG A 77 -7.45 7.79 -17.43
CA ARG A 77 -8.78 7.37 -17.01
C ARG A 77 -9.18 8.07 -15.72
N ASP A 78 -10.48 8.30 -15.56
CA ASP A 78 -10.98 8.55 -14.21
C ASP A 78 -10.84 7.26 -13.42
N ARG A 79 -10.54 7.39 -12.13
CA ARG A 79 -10.50 6.23 -11.23
C ARG A 79 -11.74 6.19 -10.35
N PHE A 80 -12.21 4.97 -10.08
CA PHE A 80 -13.28 4.71 -9.13
C PHE A 80 -12.74 3.80 -8.04
N VAL A 81 -13.08 4.13 -6.79
CA VAL A 81 -12.73 3.31 -5.64
C VAL A 81 -13.96 3.05 -4.79
N LEU A 82 -14.22 1.76 -4.55
CA LEU A 82 -15.29 1.33 -3.65
C LEU A 82 -14.68 1.14 -2.25
N SER A 83 -14.71 2.19 -1.42
CA SER A 83 -14.10 2.10 -0.09
C SER A 83 -14.90 1.20 0.85
N ASN A 84 -16.21 1.17 0.67
CA ASN A 84 -17.08 0.24 1.38
C ASN A 84 -17.08 -1.08 0.60
N GLY A 85 -15.96 -1.79 0.71
CA GLY A 85 -15.66 -2.91 -0.17
C GLY A 85 -16.60 -4.10 -0.06
N HIS A 86 -17.27 -4.23 1.10
CA HIS A 86 -18.28 -5.25 1.26
C HIS A 86 -19.40 -5.13 0.22
N ALA A 87 -19.58 -3.92 -0.33
CA ALA A 87 -20.58 -3.70 -1.37
C ALA A 87 -20.09 -4.13 -2.76
N CYS A 88 -19.05 -4.97 -2.83
CA CYS A 88 -18.44 -5.29 -4.12
C CYS A 88 -19.34 -5.95 -5.14
N ALA A 89 -20.43 -6.60 -4.76
CA ALA A 89 -21.36 -7.09 -5.79
C ALA A 89 -21.81 -5.94 -6.72
N LEU A 90 -21.90 -4.72 -6.16
CA LEU A 90 -22.19 -3.53 -6.96
C LEU A 90 -21.09 -3.25 -7.97
N LEU A 91 -19.84 -3.19 -7.51
CA LEU A 91 -18.71 -2.95 -8.39
C LEU A 91 -18.63 -3.99 -9.48
N TYR A 92 -18.73 -5.27 -9.10
CA TYR A 92 -18.63 -6.34 -10.09
C TYR A 92 -19.72 -6.24 -11.15
N SER A 93 -20.93 -5.88 -10.72
CA SER A 93 -22.02 -5.68 -11.64
C SER A 93 -21.72 -4.58 -12.66
N MET A 94 -21.16 -3.45 -12.19
CA MET A 94 -20.79 -2.38 -13.11
C MET A 94 -19.76 -2.85 -14.12
N LEU A 95 -18.74 -3.55 -13.63
CA LEU A 95 -17.66 -3.99 -14.50
C LEU A 95 -18.15 -4.98 -15.55
N VAL A 96 -19.04 -5.88 -15.14
CA VAL A 96 -19.65 -6.83 -16.08
C VAL A 96 -20.48 -6.09 -17.11
N LEU A 97 -21.33 -5.17 -16.66
CA LEU A 97 -22.21 -4.48 -17.60
C LEU A 97 -21.44 -3.65 -18.63
N TYR A 98 -20.30 -3.09 -18.22
CA TYR A 98 -19.46 -2.29 -19.10
C TYR A 98 -18.48 -3.10 -19.95
N GLY A 99 -18.44 -4.42 -19.80
CA GLY A 99 -17.60 -5.24 -20.68
C GLY A 99 -16.12 -5.23 -20.34
N TYR A 100 -15.81 -5.04 -19.06
CA TYR A 100 -14.49 -5.40 -18.56
C TYR A 100 -14.30 -6.92 -18.71
N ASP A 101 -13.11 -7.41 -18.40
CA ASP A 101 -12.77 -8.84 -18.48
C ASP A 101 -13.35 -9.59 -17.27
N LEU A 102 -14.67 -9.51 -17.15
CA LEU A 102 -15.44 -10.04 -16.03
C LEU A 102 -16.83 -10.26 -16.60
N THR A 103 -17.39 -11.46 -16.43
CA THR A 103 -18.63 -11.82 -17.09
C THR A 103 -19.72 -12.19 -16.10
N VAL A 104 -20.94 -12.36 -16.62
CA VAL A 104 -22.00 -12.90 -15.80
C VAL A 104 -21.63 -14.28 -15.22
N GLU A 105 -20.92 -15.11 -15.97
CA GLU A 105 -20.46 -16.38 -15.42
C GLU A 105 -19.55 -16.19 -14.21
N ASP A 106 -18.72 -15.14 -14.23
CA ASP A 106 -17.91 -14.81 -13.06
C ASP A 106 -18.80 -14.35 -11.89
N LEU A 107 -19.83 -13.55 -12.16
CA LEU A 107 -20.76 -13.15 -11.10
C LEU A 107 -21.46 -14.32 -10.45
N LYS A 108 -21.78 -15.35 -11.24
CA LYS A 108 -22.38 -16.56 -10.71
C LYS A 108 -21.47 -17.30 -9.75
N LYS A 109 -20.17 -17.02 -9.84
CA LYS A 109 -19.15 -17.60 -8.96
C LYS A 109 -18.67 -16.62 -7.89
N PHE A 110 -19.51 -15.63 -7.57
CA PHE A 110 -19.24 -14.69 -6.49
C PHE A 110 -18.90 -15.46 -5.21
N ARG A 111 -17.81 -15.07 -4.57
CA ARG A 111 -17.41 -15.65 -3.29
C ARG A 111 -17.06 -17.13 -3.34
N GLN A 112 -16.80 -17.68 -4.54
CA GLN A 112 -16.41 -19.07 -4.67
C GLN A 112 -14.92 -19.22 -4.92
N LEU A 113 -14.37 -20.29 -4.37
CA LEU A 113 -12.94 -20.48 -4.40
C LEU A 113 -12.38 -20.36 -5.81
N GLY A 114 -11.37 -19.51 -5.97
CA GLY A 114 -10.69 -19.32 -7.24
C GLY A 114 -11.35 -18.37 -8.22
N SER A 115 -12.50 -17.78 -7.86
CA SER A 115 -13.20 -16.94 -8.82
C SER A 115 -12.56 -15.55 -8.96
N LYS A 116 -12.98 -14.85 -10.02
CA LYS A 116 -12.60 -13.47 -10.26
C LYS A 116 -13.51 -12.47 -9.53
N THR A 117 -14.40 -12.99 -8.66
CA THR A 117 -15.38 -12.19 -7.94
C THR A 117 -15.30 -12.53 -6.45
N PRO A 118 -14.14 -12.26 -5.83
CA PRO A 118 -13.99 -12.55 -4.39
C PRO A 118 -14.89 -11.66 -3.52
N GLY A 119 -15.06 -12.07 -2.27
CA GLY A 119 -15.97 -11.40 -1.39
C GLY A 119 -15.68 -9.96 -1.03
N HIS A 120 -14.43 -9.52 -1.25
CA HIS A 120 -14.05 -8.11 -1.22
C HIS A 120 -13.13 -7.89 -2.43
N PRO A 121 -13.09 -6.67 -3.00
CA PRO A 121 -12.34 -6.51 -4.23
C PRO A 121 -10.85 -6.57 -4.02
N GLU A 122 -10.17 -7.29 -4.92
N GLU A 122 -10.18 -7.28 -4.93
CA GLU A 122 -8.71 -7.41 -4.90
CA GLU A 122 -8.73 -7.43 -4.93
C GLU A 122 -8.16 -6.97 -6.24
C GLU A 122 -8.20 -6.93 -6.27
N ASN A 123 -7.30 -5.95 -6.24
CA ASN A 123 -6.73 -5.43 -7.48
C ASN A 123 -5.94 -6.48 -8.26
N THR A 124 -5.34 -7.45 -7.58
CA THR A 124 -4.58 -8.48 -8.31
C THR A 124 -5.47 -9.41 -9.14
N ASP A 125 -6.74 -9.57 -8.73
CA ASP A 125 -7.63 -10.61 -9.25
C ASP A 125 -8.77 -10.06 -10.10
N VAL A 126 -9.17 -8.80 -9.88
CA VAL A 126 -10.40 -8.26 -10.47
C VAL A 126 -10.04 -7.14 -11.44
N PRO A 127 -10.27 -7.37 -12.75
CA PRO A 127 -10.05 -6.29 -13.72
C PRO A 127 -10.95 -5.10 -13.41
N GLY A 128 -10.36 -3.89 -13.32
CA GLY A 128 -11.11 -2.69 -12.98
C GLY A 128 -11.20 -2.38 -11.50
N ALA A 129 -10.62 -3.22 -10.63
CA ALA A 129 -10.47 -2.90 -9.22
C ALA A 129 -9.14 -2.20 -9.04
N GLU A 130 -9.15 -0.91 -8.75
CA GLU A 130 -7.91 -0.13 -8.68
C GLU A 130 -7.05 -0.50 -7.48
N VAL A 131 -7.72 -0.87 -6.38
CA VAL A 131 -7.11 -1.13 -5.09
C VAL A 131 -7.89 -2.28 -4.44
N THR A 132 -7.35 -2.74 -3.32
CA THR A 132 -7.97 -3.82 -2.54
C THR A 132 -8.65 -3.20 -1.34
N THR A 133 -9.97 -3.38 -1.25
CA THR A 133 -10.73 -2.82 -0.15
C THR A 133 -11.48 -3.95 0.58
N GLY A 134 -12.24 -3.59 1.62
CA GLY A 134 -12.81 -4.56 2.56
C GLY A 134 -12.48 -4.19 3.99
N PRO A 135 -11.21 -3.87 4.26
CA PRO A 135 -10.85 -3.24 5.54
C PRO A 135 -11.30 -1.78 5.48
N LEU A 136 -12.25 -1.41 6.33
CA LEU A 136 -12.90 -0.12 6.23
C LEU A 136 -11.93 1.03 6.43
N GLY A 137 -12.21 2.11 5.72
CA GLY A 137 -11.41 3.31 5.79
C GLY A 137 -10.31 3.41 4.76
N GLN A 138 -9.85 2.28 4.24
CA GLN A 138 -8.68 2.28 3.36
C GLN A 138 -8.94 2.92 2.02
N GLY A 139 -10.07 2.59 1.39
CA GLY A 139 -10.31 3.03 0.03
C GLY A 139 -10.35 4.53 -0.14
N ILE A 140 -11.01 5.24 0.76
CA ILE A 140 -11.01 6.70 0.66
C ILE A 140 -9.60 7.26 0.74
N CYS A 141 -8.76 6.70 1.61
CA CYS A 141 -7.38 7.11 1.68
C CYS A 141 -6.61 6.77 0.41
N ASN A 142 -6.87 5.59 -0.14
CA ASN A 142 -6.29 5.24 -1.43
C ASN A 142 -6.70 6.28 -2.49
N GLY A 143 -7.96 6.70 -2.46
CA GLY A 143 -8.44 7.73 -3.39
C GLY A 143 -7.72 9.05 -3.21
N VAL A 144 -7.45 9.43 -1.96
CA VAL A 144 -6.60 10.61 -1.72
C VAL A 144 -5.24 10.43 -2.40
N GLY A 145 -4.63 9.25 -2.29
CA GLY A 145 -3.35 9.00 -2.95
C GLY A 145 -3.42 9.01 -4.46
N ILE A 146 -4.47 8.42 -5.04
CA ILE A 146 -4.63 8.48 -6.50
C ILE A 146 -4.74 9.94 -6.94
N ALA A 147 -5.51 10.73 -6.20
CA ALA A 147 -5.69 12.15 -6.54
C ALA A 147 -4.41 12.95 -6.32
N LEU A 148 -3.65 12.64 -5.27
CA LEU A 148 -2.37 13.29 -5.02
C LEU A 148 -1.43 13.01 -6.21
N ALA A 149 -1.31 11.73 -6.58
CA ALA A 149 -0.50 11.34 -7.71
C ALA A 149 -0.96 12.05 -8.98
N GLN A 150 -2.27 12.08 -9.25
CA GLN A 150 -2.74 12.74 -10.46
C GLN A 150 -2.30 14.20 -10.50
N ALA A 151 -2.44 14.89 -9.36
CA ALA A 151 -2.06 16.30 -9.31
C ALA A 151 -0.57 16.49 -9.56
N GLN A 152 0.25 15.60 -8.98
CA GLN A 152 1.70 15.69 -9.13
C GLN A 152 2.10 15.38 -10.56
N PHE A 153 1.46 14.35 -11.13
CA PHE A 153 1.70 13.92 -12.50
C PHE A 153 1.33 15.02 -13.49
N ALA A 154 0.13 15.57 -13.34
CA ALA A 154 -0.31 16.68 -14.21
C ALA A 154 0.61 17.89 -14.11
N ALA A 155 1.05 18.23 -12.90
CA ALA A 155 1.93 19.37 -12.72
C ALA A 155 3.28 19.13 -13.39
N THR A 156 3.71 17.87 -13.41
CA THR A 156 4.99 17.48 -13.99
C THR A 156 4.94 17.50 -15.53
N TYR A 157 3.85 17.01 -16.12
CA TYR A 157 3.81 16.79 -17.58
C TYR A 157 2.93 17.72 -18.38
N ASN A 158 1.85 18.25 -17.82
CA ASN A 158 0.94 19.04 -18.67
C ASN A 158 1.62 20.30 -19.17
N LYS A 159 1.27 20.69 -20.39
CA LYS A 159 1.77 21.91 -21.03
C LYS A 159 0.61 22.61 -21.70
N PRO A 160 0.78 23.88 -22.12
CA PRO A 160 -0.29 24.54 -22.85
C PRO A 160 -0.71 23.73 -24.08
N ASP A 161 -2.01 23.54 -24.26
CA ASP A 161 -2.59 22.68 -25.31
C ASP A 161 -2.29 21.19 -25.16
N PHE A 162 -1.69 20.78 -24.04
CA PHE A 162 -1.37 19.37 -23.78
C PHE A 162 -1.82 18.95 -22.39
N PRO A 163 -3.14 18.74 -22.22
CA PRO A 163 -3.68 18.23 -20.97
C PRO A 163 -3.46 16.71 -20.90
N ILE A 164 -2.21 16.34 -20.67
CA ILE A 164 -1.83 14.92 -20.60
C ILE A 164 -2.60 14.21 -19.47
N SER A 165 -2.77 14.90 -18.35
CA SER A 165 -3.47 14.34 -17.21
C SER A 165 -4.50 15.34 -16.69
N ASP A 166 -5.77 14.94 -16.70
CA ASP A 166 -6.85 15.81 -16.22
C ASP A 166 -7.98 15.00 -15.61
N SER A 167 -7.65 13.82 -15.10
CA SER A 167 -8.64 12.87 -14.66
C SER A 167 -9.06 13.12 -13.21
N TYR A 168 -10.21 12.54 -12.86
CA TYR A 168 -10.83 12.64 -11.55
C TYR A 168 -10.71 11.33 -10.79
N THR A 169 -10.93 11.42 -9.49
CA THR A 169 -10.92 10.27 -8.59
C THR A 169 -12.25 10.27 -7.85
N TYR A 170 -13.06 9.24 -8.12
CA TYR A 170 -14.40 9.08 -7.55
C TYR A 170 -14.34 7.98 -6.50
N VAL A 171 -14.83 8.27 -5.29
CA VAL A 171 -14.80 7.29 -4.20
C VAL A 171 -16.17 7.13 -3.59
N PHE A 172 -16.63 5.89 -3.42
CA PHE A 172 -17.81 5.61 -2.60
C PHE A 172 -17.33 5.16 -1.23
N LEU A 173 -18.01 5.63 -0.19
N LEU A 173 -17.96 5.68 -0.18
CA LEU A 173 -17.67 5.24 1.17
CA LEU A 173 -17.64 5.25 1.19
C LEU A 173 -18.94 5.24 2.01
C LEU A 173 -18.89 5.33 2.06
N GLY A 174 -18.90 4.50 3.11
CA GLY A 174 -20.03 4.41 4.02
C GLY A 174 -19.72 4.94 5.40
N ASP A 175 -20.68 4.73 6.30
CA ASP A 175 -20.54 5.18 7.68
C ASP A 175 -19.33 4.55 8.36
N GLY A 176 -19.06 3.28 8.09
CA GLY A 176 -17.92 2.63 8.70
C GLY A 176 -16.61 3.26 8.32
N CYS A 177 -16.47 3.62 7.04
CA CYS A 177 -15.26 4.30 6.61
C CYS A 177 -15.10 5.63 7.33
N LEU A 178 -16.20 6.35 7.55
CA LEU A 178 -16.19 7.64 8.24
C LEU A 178 -15.91 7.55 9.73
N MET A 179 -16.15 6.38 10.33
CA MET A 179 -15.82 6.16 11.73
C MET A 179 -14.35 5.81 11.94
N GLU A 180 -13.72 5.17 10.94
CA GLU A 180 -12.33 4.75 11.05
C GLU A 180 -11.41 5.96 11.03
N GLY A 181 -10.52 6.04 12.01
CA GLY A 181 -9.66 7.20 12.12
C GLY A 181 -8.78 7.45 10.91
N VAL A 182 -8.40 6.39 10.21
CA VAL A 182 -7.54 6.57 9.04
C VAL A 182 -8.20 7.52 8.02
N SER A 183 -9.53 7.46 7.87
CA SER A 183 -10.18 8.36 6.92
C SER A 183 -10.17 9.82 7.36
N SER A 184 -10.22 10.06 8.67
CA SER A 184 -10.09 11.42 9.19
C SER A 184 -8.74 12.00 8.86
N GLU A 185 -7.69 11.21 9.10
CA GLU A 185 -6.34 11.62 8.77
C GLU A 185 -6.24 12.03 7.30
N ALA A 186 -6.68 11.14 6.41
CA ALA A 186 -6.54 11.40 4.99
C ALA A 186 -7.43 12.55 4.53
N SER A 187 -8.60 12.71 5.16
CA SER A 187 -9.51 13.78 4.76
C SER A 187 -9.00 15.15 5.22
N SER A 188 -8.42 15.22 6.42
CA SER A 188 -7.75 16.43 6.87
C SER A 188 -6.65 16.82 5.88
N LEU A 189 -5.81 15.85 5.54
CA LEU A 189 -4.70 16.11 4.63
C LEU A 189 -5.18 16.49 3.22
N ALA A 190 -6.18 15.77 2.70
CA ALA A 190 -6.70 16.08 1.38
C ALA A 190 -7.28 17.48 1.29
N GLY A 191 -7.96 17.90 2.35
CA GLY A 191 -8.47 19.26 2.42
C GLY A 191 -7.34 20.27 2.44
N HIS A 192 -6.33 20.01 3.27
CA HIS A 192 -5.16 20.86 3.29
C HIS A 192 -4.51 20.98 1.90
N LEU A 193 -4.45 19.86 1.18
CA LEU A 193 -3.82 19.81 -0.14
C LEU A 193 -4.70 20.29 -1.28
N GLN A 194 -5.94 20.71 -0.99
CA GLN A 194 -6.82 21.37 -1.97
C GLN A 194 -7.04 20.50 -3.20
N LEU A 195 -7.25 19.19 -2.96
CA LEU A 195 -7.31 18.21 -4.05
C LEU A 195 -8.67 18.24 -4.74
N GLY A 196 -8.81 19.19 -5.66
CA GLY A 196 -10.06 19.45 -6.33
C GLY A 196 -10.54 18.39 -7.29
N ASN A 197 -9.69 17.44 -7.68
CA ASN A 197 -10.15 16.37 -8.56
C ASN A 197 -10.61 15.12 -7.83
N LEU A 198 -10.66 15.21 -6.50
CA LEU A 198 -11.22 14.15 -5.66
C LEU A 198 -12.69 14.46 -5.37
N ILE A 199 -13.55 13.48 -5.68
CA ILE A 199 -15.00 13.59 -5.46
C ILE A 199 -15.42 12.30 -4.76
N ALA A 200 -15.76 12.44 -3.48
CA ALA A 200 -16.18 11.31 -2.67
C ALA A 200 -17.69 11.38 -2.42
N PHE A 201 -18.30 10.21 -2.26
CA PHE A 201 -19.74 10.07 -2.07
C PHE A 201 -19.96 9.26 -0.82
N TRP A 202 -20.61 9.87 0.17
CA TRP A 202 -20.98 9.21 1.41
C TRP A 202 -22.36 8.57 1.25
N ASP A 203 -22.40 7.25 1.46
CA ASP A 203 -23.65 6.52 1.50
C ASP A 203 -24.31 6.75 2.86
N ASP A 204 -25.10 7.82 2.92
CA ASP A 204 -25.74 8.25 4.17
C ASP A 204 -27.04 7.48 4.34
N ASN A 205 -26.92 6.26 4.86
CA ASN A 205 -28.06 5.37 5.03
C ASN A 205 -28.41 5.11 6.51
N LYS A 206 -27.64 5.69 7.43
CA LYS A 206 -27.93 5.67 8.87
C LYS A 206 -27.99 4.28 9.47
N ILE A 207 -27.33 3.32 8.85
CA ILE A 207 -27.32 1.93 9.30
C ILE A 207 -25.91 1.37 9.22
N SER A 208 -25.45 0.71 10.28
CA SER A 208 -24.24 -0.09 10.24
C SER A 208 -24.57 -1.45 10.86
N ILE A 209 -23.57 -2.28 11.13
CA ILE A 209 -23.87 -3.64 11.61
C ILE A 209 -24.63 -3.65 12.93
N ASP A 210 -24.25 -2.76 13.84
CA ASP A 210 -24.91 -2.71 15.15
C ASP A 210 -26.25 -2.00 15.15
N GLY A 211 -26.72 -1.58 13.98
CA GLY A 211 -28.05 -0.99 13.84
C GLY A 211 -27.96 0.46 13.44
N SER A 212 -28.87 1.26 13.97
CA SER A 212 -28.89 2.68 13.65
C SER A 212 -27.57 3.34 14.01
N THR A 213 -27.13 4.26 13.17
CA THR A 213 -25.98 5.09 13.53
C THR A 213 -26.25 5.95 14.77
N GLU A 214 -27.50 6.11 15.17
CA GLU A 214 -27.78 6.82 16.41
C GLU A 214 -27.14 6.18 17.65
N VAL A 215 -26.79 4.89 17.57
CA VAL A 215 -26.20 4.25 18.74
C VAL A 215 -24.73 4.57 18.95
N ALA A 216 -24.04 5.07 17.92
CA ALA A 216 -22.58 5.26 18.01
C ALA A 216 -21.98 6.37 17.16
N PHE A 217 -22.76 7.01 16.28
CA PHE A 217 -22.20 7.86 15.22
C PHE A 217 -23.18 8.98 14.95
N THR A 218 -23.20 9.95 15.87
CA THR A 218 -24.15 11.04 15.85
C THR A 218 -23.49 12.39 15.55
N GLU A 219 -22.21 12.37 15.21
CA GLU A 219 -21.49 13.57 14.82
C GLU A 219 -22.12 14.22 13.58
N ASP A 220 -21.87 15.50 13.42
CA ASP A 220 -22.27 16.23 12.22
C ASP A 220 -21.14 16.06 11.20
N VAL A 221 -21.26 15.01 10.38
CA VAL A 221 -20.26 14.65 9.39
C VAL A 221 -19.99 15.82 8.44
N ILE A 222 -21.06 16.44 7.94
CA ILE A 222 -20.93 17.54 6.99
C ILE A 222 -20.15 18.70 7.60
N ALA A 223 -20.47 19.06 8.84
CA ALA A 223 -19.72 20.11 9.51
C ALA A 223 -18.25 19.73 9.67
N ARG A 224 -17.97 18.46 9.98
CA ARG A 224 -16.59 18.02 10.07
C ARG A 224 -15.86 18.17 8.73
N TYR A 225 -16.50 17.74 7.65
CA TYR A 225 -15.85 17.85 6.35
C TYR A 225 -15.64 19.31 5.94
N LYS A 226 -16.57 20.20 6.27
CA LYS A 226 -16.32 21.62 6.05
C LYS A 226 -15.10 22.08 6.83
N SER A 227 -14.93 21.60 8.06
CA SER A 227 -13.77 22.01 8.89
C SER A 227 -12.44 21.59 8.28
N TYR A 228 -12.43 20.54 7.45
CA TYR A 228 -11.23 20.11 6.74
C TYR A 228 -10.96 20.93 5.48
N GLY A 229 -11.91 21.78 5.07
CA GLY A 229 -11.79 22.51 3.81
C GLY A 229 -12.33 21.78 2.60
N TRP A 230 -13.25 20.83 2.82
CA TRP A 230 -13.96 20.19 1.70
C TRP A 230 -15.19 21.00 1.29
N HIS A 231 -15.52 20.88 0.02
CA HIS A 231 -16.81 21.33 -0.51
C HIS A 231 -17.84 20.24 -0.27
N ILE A 232 -19.09 20.64 -0.04
CA ILE A 232 -20.18 19.71 0.21
C ILE A 232 -21.28 19.89 -0.81
N VAL A 233 -21.80 18.77 -1.33
CA VAL A 233 -23.08 18.78 -2.05
C VAL A 233 -23.96 17.73 -1.39
N GLU A 234 -25.22 18.09 -1.12
N GLU A 234 -25.22 18.08 -1.11
CA GLU A 234 -26.17 17.14 -0.53
CA GLU A 234 -26.16 17.13 -0.49
C GLU A 234 -27.19 16.72 -1.55
C GLU A 234 -27.27 16.72 -1.46
N VAL A 235 -27.43 15.41 -1.63
CA VAL A 235 -28.48 14.85 -2.49
C VAL A 235 -29.45 14.14 -1.55
N SER A 236 -30.58 14.79 -1.28
CA SER A 236 -31.53 14.32 -0.26
C SER A 236 -32.28 13.07 -0.67
N ASP A 237 -32.44 12.83 -1.98
CA ASP A 237 -33.11 11.61 -2.43
C ASP A 237 -32.25 10.85 -3.42
N ALA A 238 -31.19 10.27 -2.90
CA ALA A 238 -30.29 9.51 -3.74
C ALA A 238 -30.79 8.11 -4.06
N ASP A 239 -31.97 7.72 -3.57
CA ASP A 239 -32.60 6.48 -4.02
C ASP A 239 -33.11 6.57 -5.45
N THR A 240 -33.43 7.78 -5.90
CA THR A 240 -34.02 7.98 -7.23
C THR A 240 -33.43 9.13 -8.05
N ASP A 241 -32.84 10.14 -7.42
CA ASP A 241 -32.58 11.40 -8.11
C ASP A 241 -31.19 11.39 -8.77
N ILE A 242 -31.08 10.63 -9.85
CA ILE A 242 -29.83 10.56 -10.59
C ILE A 242 -29.49 11.88 -11.27
N THR A 243 -30.50 12.69 -11.59
CA THR A 243 -30.26 14.04 -12.12
C THR A 243 -29.45 14.87 -11.12
N ALA A 244 -29.84 14.81 -9.85
CA ALA A 244 -29.14 15.53 -8.80
C ALA A 244 -27.75 14.97 -8.53
N ILE A 245 -27.58 13.66 -8.67
CA ILE A 245 -26.25 13.07 -8.48
C ILE A 245 -25.31 13.54 -9.60
N ALA A 246 -25.80 13.51 -10.84
CA ALA A 246 -25.02 14.04 -11.97
C ALA A 246 -24.68 15.52 -11.77
N ALA A 247 -25.67 16.30 -11.34
CA ALA A 247 -25.46 17.73 -11.08
C ALA A 247 -24.42 17.95 -9.97
N ALA A 248 -24.42 17.10 -8.96
CA ALA A 248 -23.43 17.18 -7.88
C ALA A 248 -22.01 16.99 -8.39
N ILE A 249 -21.84 16.08 -9.34
CA ILE A 249 -20.55 15.87 -9.98
C ILE A 249 -20.14 17.12 -10.76
N ASP A 250 -21.07 17.68 -11.54
CA ASP A 250 -20.77 18.89 -12.29
C ASP A 250 -20.36 20.02 -11.34
N GLU A 251 -21.08 20.14 -10.22
CA GLU A 251 -20.78 21.17 -9.23
C GLU A 251 -19.39 20.96 -8.65
N ALA A 252 -19.10 19.72 -8.28
CA ALA A 252 -17.78 19.39 -7.73
C ALA A 252 -16.66 19.72 -8.70
N LYS A 253 -16.88 19.50 -9.99
CA LYS A 253 -15.84 19.79 -10.97
C LYS A 253 -15.56 21.30 -11.08
N LYS A 254 -16.53 22.14 -10.76
CA LYS A 254 -16.32 23.59 -10.77
C LYS A 254 -15.49 24.09 -9.57
N VAL A 255 -15.43 23.31 -8.49
CA VAL A 255 -14.69 23.70 -7.30
C VAL A 255 -13.30 23.08 -7.41
N THR A 256 -12.37 23.81 -8.00
CA THR A 256 -11.08 23.23 -8.37
C THR A 256 -10.05 23.19 -7.24
N ASN A 257 -10.34 23.85 -6.12
CA ASN A 257 -9.39 23.95 -5.01
C ASN A 257 -9.90 23.30 -3.72
N LYS A 258 -10.91 22.44 -3.82
CA LYS A 258 -11.34 21.67 -2.65
C LYS A 258 -11.77 20.30 -3.09
N PRO A 259 -11.44 19.24 -2.33
CA PRO A 259 -12.09 17.96 -2.55
C PRO A 259 -13.57 18.10 -2.16
N THR A 260 -14.44 17.32 -2.80
CA THR A 260 -15.87 17.40 -2.53
C THR A 260 -16.40 16.12 -1.90
N LEU A 261 -17.26 16.29 -0.90
CA LEU A 261 -18.04 15.20 -0.35
C LEU A 261 -19.48 15.38 -0.77
N VAL A 262 -20.02 14.37 -1.46
CA VAL A 262 -21.41 14.34 -1.88
C VAL A 262 -22.15 13.44 -0.89
N ARG A 263 -23.10 14.03 -0.15
CA ARG A 263 -23.91 13.28 0.79
C ARG A 263 -25.05 12.64 0.02
N LEU A 264 -25.02 11.30 -0.10
CA LEU A 264 -26.08 10.56 -0.79
C LEU A 264 -27.01 9.99 0.26
N THR A 265 -28.16 10.62 0.47
CA THR A 265 -29.12 10.07 1.44
C THR A 265 -29.87 8.93 0.76
N THR A 266 -29.59 7.70 1.21
CA THR A 266 -30.16 6.49 0.61
C THR A 266 -30.85 5.66 1.67
N THR A 267 -31.62 4.70 1.17
CA THR A 267 -32.19 3.64 1.99
C THR A 267 -31.36 2.38 1.76
N ILE A 268 -30.72 1.87 2.82
CA ILE A 268 -29.98 0.62 2.68
C ILE A 268 -30.94 -0.46 2.22
N GLY A 269 -30.54 -1.27 1.25
CA GLY A 269 -31.42 -2.31 0.78
C GLY A 269 -32.65 -1.82 0.03
N PHE A 270 -32.59 -0.60 -0.53
CA PHE A 270 -33.74 -0.01 -1.22
C PHE A 270 -34.46 -1.02 -2.09
N GLY A 271 -35.77 -1.15 -1.85
CA GLY A 271 -36.61 -2.05 -2.59
C GLY A 271 -36.93 -3.34 -1.85
N SER A 272 -36.00 -3.80 -1.03
CA SER A 272 -36.22 -5.01 -0.24
C SER A 272 -37.34 -4.81 0.76
N LEU A 273 -38.02 -5.90 1.08
CA LEU A 273 -38.93 -5.93 2.22
C LEU A 273 -38.24 -5.48 3.51
N ALA A 274 -36.94 -5.76 3.60
CA ALA A 274 -36.12 -5.46 4.76
C ALA A 274 -35.29 -4.18 4.58
N GLN A 275 -35.65 -3.33 3.62
CA GLN A 275 -34.92 -2.09 3.43
C GLN A 275 -34.90 -1.28 4.73
N GLY A 276 -33.82 -0.54 4.92
CA GLY A 276 -33.70 0.35 6.07
C GLY A 276 -33.45 -0.36 7.39
N THR A 277 -32.91 -1.58 7.34
CA THR A 277 -32.57 -2.36 8.54
C THR A 277 -31.15 -2.92 8.47
N HIS A 278 -30.56 -3.21 9.64
CA HIS A 278 -29.22 -3.79 9.65
C HIS A 278 -29.20 -5.20 9.05
N GLY A 279 -30.33 -5.91 9.10
CA GLY A 279 -30.40 -7.25 8.54
C GLY A 279 -30.09 -7.34 7.05
N VAL A 280 -30.38 -6.25 6.32
CA VAL A 280 -30.15 -6.22 4.87
C VAL A 280 -28.70 -5.86 4.54
N HIS A 281 -27.91 -5.44 5.54
CA HIS A 281 -26.50 -5.08 5.31
C HIS A 281 -25.70 -6.24 4.75
N GLY A 282 -25.80 -7.41 5.38
CA GLY A 282 -24.75 -8.41 5.33
C GLY A 282 -25.13 -9.84 5.18
N ALA A 283 -26.36 -10.12 4.77
CA ALA A 283 -26.79 -11.48 4.54
C ALA A 283 -27.66 -11.55 3.31
N PRO A 284 -27.70 -12.72 2.67
CA PRO A 284 -28.56 -12.87 1.50
C PRO A 284 -30.03 -12.58 1.80
N LEU A 285 -30.71 -12.00 0.82
CA LEU A 285 -32.14 -11.74 0.94
C LEU A 285 -32.91 -13.06 0.91
N LYS A 286 -34.11 -13.04 1.46
CA LYS A 286 -35.00 -14.19 1.35
C LYS A 286 -35.47 -14.34 -0.10
N ALA A 287 -35.71 -15.58 -0.51
CA ALA A 287 -36.11 -15.83 -1.90
C ALA A 287 -37.38 -15.06 -2.32
N ASP A 288 -38.35 -14.97 -1.41
CA ASP A 288 -39.60 -14.24 -1.71
C ASP A 288 -39.36 -12.73 -1.85
N ASP A 289 -38.39 -12.21 -1.11
CA ASP A 289 -38.00 -10.82 -1.21
C ASP A 289 -37.45 -10.55 -2.61
N ILE A 290 -36.57 -11.43 -3.07
CA ILE A 290 -35.98 -11.27 -4.41
C ILE A 290 -37.09 -11.32 -5.48
N LYS A 291 -38.07 -12.21 -5.31
CA LYS A 291 -39.16 -12.27 -6.27
C LYS A 291 -39.92 -10.95 -6.37
N GLN A 292 -40.26 -10.35 -5.22
CA GLN A 292 -41.03 -9.11 -5.25
C GLN A 292 -40.18 -7.94 -5.79
N LEU A 293 -38.87 -7.95 -5.54
CA LEU A 293 -37.96 -6.97 -6.17
C LEU A 293 -38.09 -7.03 -7.67
N LYS A 294 -38.02 -8.25 -8.20
CA LYS A 294 -38.04 -8.43 -9.65
C LYS A 294 -39.37 -7.99 -10.24
N THR A 295 -40.46 -8.43 -9.64
CA THR A 295 -41.75 -8.12 -10.21
C THR A 295 -42.03 -6.62 -10.20
N LYS A 296 -41.68 -5.91 -9.12
CA LYS A 296 -42.03 -4.50 -9.10
C LYS A 296 -41.15 -3.64 -9.99
N TRP A 297 -39.98 -4.16 -10.37
CA TRP A 297 -39.11 -3.46 -11.32
C TRP A 297 -39.24 -3.99 -12.75
N GLY A 298 -40.21 -4.86 -12.98
CA GLY A 298 -40.51 -5.32 -14.33
C GLY A 298 -39.65 -6.46 -14.83
N PHE A 299 -38.95 -7.14 -13.93
CA PHE A 299 -38.12 -8.28 -14.28
C PHE A 299 -38.87 -9.58 -13.99
N ASN A 300 -38.36 -10.68 -14.52
CA ASN A 300 -38.98 -11.98 -14.36
C ASN A 300 -38.51 -12.59 -13.04
N PRO A 301 -39.42 -12.81 -12.07
CA PRO A 301 -39.00 -13.38 -10.77
C PRO A 301 -38.43 -14.79 -10.85
N GLU A 302 -38.67 -15.49 -11.97
CA GLU A 302 -38.08 -16.81 -12.21
C GLU A 302 -36.69 -16.79 -12.82
N GLU A 303 -36.19 -15.60 -13.16
CA GLU A 303 -34.93 -15.46 -13.86
C GLU A 303 -33.89 -14.83 -12.95
N SER A 304 -32.66 -15.33 -13.04
N SER A 304 -32.67 -15.34 -13.03
CA SER A 304 -31.55 -14.70 -12.33
CA SER A 304 -31.53 -14.74 -12.34
C SER A 304 -30.47 -14.28 -13.31
C SER A 304 -30.49 -14.25 -13.34
N PHE A 305 -29.71 -13.26 -12.91
CA PHE A 305 -28.61 -12.70 -13.72
C PHE A 305 -29.07 -12.15 -15.07
N ALA A 306 -30.25 -11.54 -15.08
CA ALA A 306 -30.76 -10.92 -16.30
C ALA A 306 -29.96 -9.70 -16.69
N VAL A 307 -29.63 -9.60 -17.98
CA VAL A 307 -28.99 -8.40 -18.51
C VAL A 307 -29.76 -7.94 -19.75
N PRO A 308 -30.72 -7.02 -19.58
CA PRO A 308 -31.48 -6.51 -20.72
C PRO A 308 -30.53 -5.91 -21.76
N ALA A 309 -30.73 -6.27 -23.02
CA ALA A 309 -29.86 -5.82 -24.08
C ALA A 309 -29.87 -4.29 -24.26
N GLU A 310 -30.98 -3.63 -23.91
N GLU A 310 -30.95 -3.64 -23.90
CA GLU A 310 -31.04 -2.15 -23.87
CA GLU A 310 -30.98 -2.20 -23.99
C GLU A 310 -29.94 -1.58 -23.01
C GLU A 310 -30.04 -1.53 -22.96
N VAL A 311 -29.75 -2.21 -21.84
CA VAL A 311 -28.78 -1.71 -20.88
C VAL A 311 -27.37 -1.87 -21.44
N THR A 312 -27.07 -3.06 -21.96
CA THR A 312 -25.82 -3.30 -22.64
C THR A 312 -25.56 -2.27 -23.74
N ALA A 313 -26.58 -2.01 -24.53
CA ALA A 313 -26.42 -1.06 -25.62
C ALA A 313 -26.08 0.32 -25.10
N SER A 314 -26.84 0.79 -24.12
N SER A 314 -26.82 0.79 -24.10
CA SER A 314 -26.63 2.12 -23.54
CA SER A 314 -26.61 2.14 -23.56
C SER A 314 -25.20 2.23 -23.01
C SER A 314 -25.24 2.28 -22.91
N TYR A 315 -24.79 1.22 -22.25
CA TYR A 315 -23.44 1.21 -21.65
C TYR A 315 -22.36 1.15 -22.72
N ASN A 316 -22.60 0.37 -23.76
CA ASN A 316 -21.66 0.29 -24.88
C ASN A 316 -21.49 1.61 -25.60
N GLU A 317 -22.56 2.40 -25.69
CA GLU A 317 -22.44 3.74 -26.30
C GLU A 317 -21.42 4.59 -25.52
N HIS A 318 -21.53 4.55 -24.21
CA HIS A 318 -20.63 5.32 -23.36
C HIS A 318 -19.19 4.78 -23.47
N VAL A 319 -19.03 3.45 -23.53
CA VAL A 319 -17.70 2.88 -23.74
C VAL A 319 -17.11 3.34 -25.08
N ALA A 320 -17.91 3.31 -26.14
CA ALA A 320 -17.42 3.72 -27.46
C ALA A 320 -16.96 5.18 -27.44
N GLU A 321 -17.74 6.05 -26.79
CA GLU A 321 -17.34 7.45 -26.63
C GLU A 321 -16.02 7.57 -25.86
N ASN A 322 -15.93 6.83 -24.75
CA ASN A 322 -14.68 6.83 -23.97
C ASN A 322 -13.49 6.33 -24.76
N GLN A 323 -13.69 5.32 -25.59
CA GLN A 323 -12.61 4.80 -26.42
C GLN A 323 -12.15 5.83 -27.46
N LYS A 324 -13.09 6.59 -28.02
CA LYS A 324 -12.71 7.70 -28.89
C LYS A 324 -11.93 8.80 -28.14
N ILE A 325 -12.30 9.06 -26.89
CA ILE A 325 -11.54 9.98 -26.06
C ILE A 325 -10.12 9.45 -25.86
N GLN A 326 -9.97 8.17 -25.53
CA GLN A 326 -8.62 7.61 -25.37
C GLN A 326 -7.82 7.64 -26.68
N GLN A 327 -8.50 7.36 -27.79
CA GLN A 327 -7.86 7.44 -29.10
C GLN A 327 -7.28 8.84 -29.34
N GLN A 328 -8.06 9.86 -29.03
CA GLN A 328 -7.61 11.23 -29.17
C GLN A 328 -6.47 11.55 -28.18
N TRP A 329 -6.56 11.01 -26.97
CA TRP A 329 -5.48 11.15 -25.99
C TRP A 329 -4.18 10.55 -26.54
N ASN A 330 -4.26 9.38 -27.18
CA ASN A 330 -3.06 8.79 -27.74
C ASN A 330 -2.43 9.70 -28.80
N GLU A 331 -3.25 10.35 -29.61
CA GLU A 331 -2.73 11.32 -30.58
C GLU A 331 -2.16 12.57 -29.91
N LEU A 332 -2.81 13.04 -28.85
CA LEU A 332 -2.27 14.12 -28.04
C LEU A 332 -0.89 13.76 -27.51
N PHE A 333 -0.74 12.54 -26.99
CA PHE A 333 0.54 12.06 -26.48
C PHE A 333 1.60 11.98 -27.57
N ALA A 334 1.22 11.53 -28.75
CA ALA A 334 2.17 11.51 -29.87
C ALA A 334 2.63 12.93 -30.22
N ALA A 335 1.69 13.88 -30.25
CA ALA A 335 2.04 15.27 -30.54
C ALA A 335 2.90 15.88 -29.43
N TYR A 336 2.62 15.48 -28.20
CA TYR A 336 3.41 15.90 -27.04
C TYR A 336 4.86 15.48 -27.19
N LYS A 337 5.08 14.23 -27.59
CA LYS A 337 6.44 13.74 -27.78
C LYS A 337 7.18 14.48 -28.88
N GLN A 338 6.47 14.94 -29.89
CA GLN A 338 7.07 15.78 -30.93
C GLN A 338 7.47 17.15 -30.40
N LYS A 339 6.59 17.78 -29.63
CA LYS A 339 6.85 19.14 -29.14
C LYS A 339 7.81 19.19 -27.94
N TYR A 340 7.71 18.19 -27.08
CA TYR A 340 8.49 18.13 -25.83
C TYR A 340 9.21 16.78 -25.80
N PRO A 341 10.28 16.63 -26.63
CA PRO A 341 10.86 15.29 -26.81
C PRO A 341 11.41 14.65 -25.53
N GLU A 342 12.08 15.44 -24.69
CA GLU A 342 12.62 14.99 -23.41
C GLU A 342 11.53 14.50 -22.43
N LEU A 343 10.54 15.35 -22.18
CA LEU A 343 9.46 14.98 -21.29
C LEU A 343 8.65 13.83 -21.88
N GLY A 344 8.45 13.85 -23.19
CA GLY A 344 7.72 12.78 -23.85
C GLY A 344 8.38 11.43 -23.70
N ALA A 345 9.70 11.38 -23.86
CA ALA A 345 10.44 10.13 -23.71
C ALA A 345 10.38 9.64 -22.26
N GLU A 346 10.47 10.58 -21.32
CA GLU A 346 10.37 10.26 -19.89
C GLU A 346 9.01 9.65 -19.57
N LEU A 347 7.96 10.28 -20.09
CA LEU A 347 6.62 9.80 -19.88
C LEU A 347 6.42 8.42 -20.49
N GLN A 348 6.89 8.23 -21.72
CA GLN A 348 6.79 6.92 -22.36
C GLN A 348 7.47 5.81 -21.56
N ARG A 349 8.69 6.09 -21.10
CA ARG A 349 9.44 5.15 -20.30
C ARG A 349 8.65 4.74 -19.04
N ARG A 350 8.10 5.74 -18.36
CA ARG A 350 7.30 5.49 -17.17
C ARG A 350 6.05 4.67 -17.46
N LEU A 351 5.36 4.96 -18.55
CA LEU A 351 4.17 4.20 -18.92
C LEU A 351 4.51 2.79 -19.35
N ASP A 352 5.75 2.58 -19.80
CA ASP A 352 6.25 1.23 -20.09
C ASP A 352 6.72 0.47 -18.85
N GLY A 353 6.73 1.11 -17.68
CA GLY A 353 7.08 0.46 -16.43
C GLY A 353 8.57 0.28 -16.24
N LYS A 354 9.38 1.11 -16.91
CA LYS A 354 10.83 0.98 -16.91
C LYS A 354 11.46 2.14 -16.17
N LEU A 355 12.43 1.85 -15.31
CA LEU A 355 13.26 2.87 -14.69
C LEU A 355 14.26 3.42 -15.71
N PRO A 356 14.84 4.60 -15.42
CA PRO A 356 15.87 5.12 -16.32
C PRO A 356 17.02 4.13 -16.46
N GLU A 357 17.57 4.06 -17.65
CA GLU A 357 18.68 3.15 -17.92
C GLU A 357 19.85 3.49 -17.01
N ASN A 358 20.37 2.47 -16.34
CA ASN A 358 21.51 2.61 -15.42
C ASN A 358 21.31 3.64 -14.29
N TRP A 359 20.06 3.84 -13.87
CA TRP A 359 19.77 4.76 -12.77
C TRP A 359 20.58 4.39 -11.52
N ASP A 360 20.82 3.09 -11.34
CA ASP A 360 21.48 2.57 -10.14
C ASP A 360 22.95 2.95 -10.05
N LYS A 361 23.53 3.47 -11.13
CA LYS A 361 24.87 4.05 -11.05
C LYS A 361 24.95 5.25 -10.10
N ALA A 362 23.81 5.85 -9.80
CA ALA A 362 23.73 6.93 -8.82
C ALA A 362 23.82 6.44 -7.37
N LEU A 363 23.61 5.16 -7.12
CA LEU A 363 23.65 4.67 -5.74
C LEU A 363 25.04 4.86 -5.14
N PRO A 364 25.13 5.44 -3.93
CA PRO A 364 26.43 5.59 -3.28
C PRO A 364 27.07 4.25 -2.90
N VAL A 365 28.40 4.21 -3.01
CA VAL A 365 29.19 3.04 -2.68
C VAL A 365 30.23 3.48 -1.65
N TYR A 366 30.52 2.59 -0.70
CA TYR A 366 31.40 2.84 0.42
C TYR A 366 32.47 1.78 0.49
N THR A 367 33.55 2.11 1.19
CA THR A 367 34.61 1.17 1.48
C THR A 367 34.80 1.09 2.98
N PRO A 368 35.56 0.09 3.45
CA PRO A 368 35.79 -0.01 4.88
C PRO A 368 36.64 1.15 5.45
N ALA A 369 37.29 1.93 4.60
CA ALA A 369 38.03 3.10 5.04
C ALA A 369 37.15 4.33 5.29
N ASP A 370 35.89 4.29 4.86
CA ASP A 370 34.99 5.41 5.08
C ASP A 370 34.48 5.45 6.52
N ALA A 371 34.07 6.65 6.94
CA ALA A 371 33.58 6.88 8.30
C ALA A 371 32.30 6.11 8.61
N ALA A 372 32.08 5.89 9.90
CA ALA A 372 30.81 5.37 10.39
C ALA A 372 29.69 6.37 10.11
N VAL A 373 28.52 5.85 9.77
CA VAL A 373 27.35 6.65 9.43
C VAL A 373 26.11 5.89 9.92
N ALA A 374 25.12 6.59 10.47
CA ALA A 374 23.85 5.97 10.81
C ALA A 374 23.12 5.59 9.54
N THR A 375 22.39 4.48 9.54
CA THR A 375 21.70 4.13 8.30
C THR A 375 20.55 5.09 7.96
N ARG A 376 20.01 5.85 8.92
CA ARG A 376 19.09 6.93 8.53
C ARG A 376 19.79 8.00 7.68
N LYS A 377 21.05 8.29 8.00
CA LYS A 377 21.80 9.29 7.25
C LYS A 377 22.25 8.75 5.90
N LEU A 378 22.65 7.48 5.87
CA LEU A 378 22.95 6.81 4.60
C LEU A 378 21.73 6.85 3.68
N SER A 379 20.56 6.62 4.25
CA SER A 379 19.30 6.71 3.50
C SER A 379 19.10 8.12 2.91
N GLU A 380 19.28 9.17 3.72
CA GLU A 380 19.23 10.55 3.19
C GLU A 380 20.15 10.72 2.00
N ILE A 381 21.36 10.22 2.13
CA ILE A 381 22.35 10.37 1.07
C ILE A 381 21.89 9.63 -0.19
N VAL A 382 21.39 8.41 -0.05
CA VAL A 382 20.85 7.68 -1.20
C VAL A 382 19.75 8.51 -1.88
N LEU A 383 18.77 8.96 -1.11
CA LEU A 383 17.67 9.74 -1.66
C LEU A 383 18.17 10.97 -2.39
N SER A 384 19.18 11.64 -1.80
N SER A 384 19.18 11.64 -1.82
CA SER A 384 19.78 12.83 -2.42
CA SER A 384 19.72 12.83 -2.45
C SER A 384 20.37 12.53 -3.80
C SER A 384 20.41 12.56 -3.79
N LYS A 385 20.92 11.34 -3.98
CA LYS A 385 21.51 10.93 -5.26
C LYS A 385 20.51 10.41 -6.26
N ILE A 386 19.48 9.70 -5.80
CA ILE A 386 18.58 9.03 -6.74
C ILE A 386 17.35 9.85 -7.12
N ILE A 387 16.88 10.74 -6.23
CA ILE A 387 15.74 11.60 -6.57
C ILE A 387 15.99 12.42 -7.85
N PRO A 388 17.17 13.04 -8.00
CA PRO A 388 17.41 13.78 -9.26
C PRO A 388 17.46 12.89 -10.52
N GLU A 389 17.75 11.60 -10.34
CA GLU A 389 17.93 10.65 -11.44
C GLU A 389 16.62 9.95 -11.83
N VAL A 390 15.66 9.89 -10.92
CA VAL A 390 14.47 9.05 -11.09
C VAL A 390 13.24 9.90 -10.75
N PRO A 391 12.64 10.55 -11.77
CA PRO A 391 11.57 11.52 -11.48
C PRO A 391 10.33 10.90 -10.85
N GLU A 392 10.10 9.61 -11.08
CA GLU A 392 8.94 8.92 -10.50
C GLU A 392 9.08 8.62 -9.02
N ILE A 393 10.22 8.96 -8.38
CA ILE A 393 10.31 8.88 -6.93
C ILE A 393 9.70 10.15 -6.32
N ILE A 394 8.68 9.97 -5.48
CA ILE A 394 8.19 11.01 -4.58
C ILE A 394 8.01 10.37 -3.21
N GLY A 395 7.92 11.18 -2.18
CA GLY A 395 7.69 10.59 -0.86
C GLY A 395 7.60 11.65 0.20
N GLY A 396 7.55 11.22 1.45
CA GLY A 396 7.38 12.17 2.54
C GLY A 396 7.65 11.53 3.88
N SER A 397 7.22 12.24 4.92
CA SER A 397 7.34 11.76 6.30
C SER A 397 6.13 12.19 7.09
N ALA A 398 5.82 11.38 8.10
CA ALA A 398 4.74 11.66 9.02
C ALA A 398 5.26 12.54 10.18
N ASP A 399 5.55 13.81 9.85
CA ASP A 399 6.06 14.79 10.82
C ASP A 399 7.38 14.37 11.44
N LEU A 400 8.22 13.66 10.69
CA LEU A 400 9.54 13.29 11.19
C LEU A 400 10.63 13.56 10.18
N THR A 401 10.44 14.59 9.35
CA THR A 401 11.40 14.89 8.31
C THR A 401 12.85 15.08 8.79
N PRO A 402 13.08 15.89 9.85
CA PRO A 402 14.47 16.08 10.30
C PRO A 402 15.01 14.95 11.17
N SER A 403 14.19 13.94 11.42
N SER A 403 14.18 13.96 11.50
CA SER A 403 14.59 12.80 12.21
CA SER A 403 14.60 12.76 12.24
C SER A 403 14.79 11.55 11.34
C SER A 403 14.82 11.57 11.32
N ASN A 404 13.86 11.33 10.42
CA ASN A 404 13.99 10.26 9.43
C ASN A 404 15.01 10.61 8.33
N LEU A 405 15.17 11.90 8.07
CA LEU A 405 16.10 12.43 7.04
C LEU A 405 15.67 12.03 5.63
N THR A 406 14.38 12.26 5.36
CA THR A 406 13.71 11.77 4.17
C THR A 406 13.60 12.79 3.02
N LYS A 407 13.99 14.05 3.25
CA LYS A 407 13.90 15.08 2.21
C LYS A 407 15.28 15.38 1.62
N ALA A 408 15.37 15.31 0.30
CA ALA A 408 16.59 15.73 -0.39
C ALA A 408 16.65 17.25 -0.43
N LYS A 409 17.80 17.80 -0.04
CA LYS A 409 18.00 19.24 -0.06
C LYS A 409 17.74 19.77 -1.46
N GLY A 410 17.03 20.91 -1.54
CA GLY A 410 16.75 21.54 -2.81
C GLY A 410 15.47 21.10 -3.51
N THR A 411 14.79 20.10 -2.97
CA THR A 411 13.50 19.72 -3.52
C THR A 411 12.42 20.58 -2.92
N VAL A 412 11.28 20.60 -3.61
N VAL A 412 11.30 20.75 -3.61
CA VAL A 412 10.12 21.43 -3.27
CA VAL A 412 10.20 21.48 -2.99
C VAL A 412 9.03 20.52 -2.70
C VAL A 412 9.08 20.54 -2.64
N ASP A 413 8.28 21.01 -1.70
CA ASP A 413 7.21 20.22 -1.15
C ASP A 413 6.01 20.21 -2.10
N PHE A 414 5.32 19.08 -2.09
CA PHE A 414 4.02 18.94 -2.72
C PHE A 414 2.99 19.70 -1.87
N GLN A 415 2.57 20.84 -2.39
CA GLN A 415 1.53 21.66 -1.77
C GLN A 415 0.79 22.37 -2.89
N PRO A 416 -0.48 22.76 -2.69
CA PRO A 416 -1.08 23.67 -3.66
C PRO A 416 -0.32 24.99 -3.69
N ALA A 417 -0.03 25.49 -4.89
CA ALA A 417 0.71 26.74 -5.02
C ALA A 417 0.02 27.91 -4.30
N ALA A 418 -1.30 27.86 -4.16
CA ALA A 418 -2.03 28.93 -3.46
C ALA A 418 -1.51 29.15 -2.05
N THR A 419 -0.96 28.11 -1.42
CA THR A 419 -0.44 28.25 -0.06
C THR A 419 0.89 28.98 0.04
N GLY A 420 1.62 29.05 -1.06
CA GLY A 420 3.00 29.57 -1.05
C GLY A 420 4.03 28.63 -0.45
N LEU A 421 3.63 27.41 -0.08
CA LEU A 421 4.50 26.52 0.69
C LEU A 421 5.09 25.38 -0.15
N GLY A 422 4.73 25.34 -1.43
CA GLY A 422 5.14 24.28 -2.32
C GLY A 422 4.38 24.41 -3.63
N ASP A 423 4.36 23.36 -4.41
CA ASP A 423 3.59 23.36 -5.64
C ASP A 423 3.22 21.87 -5.88
N TYR A 424 2.21 21.64 -6.69
CA TYR A 424 1.89 20.28 -7.08
C TYR A 424 2.99 19.55 -7.87
N SER A 425 3.93 20.28 -8.49
CA SER A 425 5.08 19.61 -9.09
C SER A 425 6.11 19.15 -8.06
N GLY A 426 5.94 19.53 -6.79
CA GLY A 426 6.84 19.13 -5.73
C GLY A 426 6.91 17.63 -5.54
N ARG A 427 7.96 17.22 -4.85
CA ARG A 427 8.26 15.81 -4.69
C ARG A 427 8.30 15.32 -3.26
N TYR A 428 8.06 16.22 -2.29
CA TYR A 428 8.18 15.89 -0.88
C TYR A 428 6.87 16.20 -0.18
N ILE A 429 6.30 15.20 0.49
CA ILE A 429 4.97 15.31 1.08
C ILE A 429 5.06 15.44 2.60
N ARG A 430 4.44 16.48 3.14
CA ARG A 430 4.32 16.69 4.58
C ARG A 430 3.05 15.97 5.04
N TYR A 431 3.19 14.72 5.46
CA TYR A 431 2.02 13.93 5.83
C TYR A 431 1.43 14.33 7.18
N GLY A 432 2.17 15.06 8.01
CA GLY A 432 1.72 15.31 9.38
C GLY A 432 1.76 14.01 10.19
N VAL A 433 1.19 14.03 11.39
CA VAL A 433 1.32 12.88 12.29
C VAL A 433 0.18 11.89 11.98
N ARG A 434 0.34 11.22 10.83
CA ARG A 434 -0.73 10.48 10.18
C ARG A 434 -0.18 9.22 9.53
N GLU A 435 0.39 8.32 10.34
CA GLU A 435 1.08 7.17 9.73
C GLU A 435 0.14 6.27 8.94
N HIS A 436 -1.04 6.00 9.49
CA HIS A 436 -1.94 5.06 8.84
C HIS A 436 -2.41 5.61 7.50
N ALA A 437 -2.84 6.87 7.47
CA ALA A 437 -3.23 7.46 6.20
C ALA A 437 -2.05 7.56 5.26
N MET A 438 -0.85 7.88 5.77
CA MET A 438 0.32 7.88 4.90
C MET A 438 0.46 6.51 4.21
N GLY A 439 0.34 5.43 4.97
CA GLY A 439 0.44 4.10 4.37
C GLY A 439 -0.60 3.85 3.27
N ALA A 440 -1.83 4.25 3.52
CA ALA A 440 -2.90 4.03 2.55
C ALA A 440 -2.81 4.98 1.36
N ILE A 441 -2.35 6.21 1.60
CA ILE A 441 -2.09 7.16 0.52
C ILE A 441 -0.96 6.65 -0.36
N MET A 442 0.10 6.09 0.25
N MET A 442 0.10 6.10 0.26
CA MET A 442 1.16 5.48 -0.56
CA MET A 442 1.17 5.48 -0.51
C MET A 442 0.62 4.40 -1.47
C MET A 442 0.63 4.40 -1.45
N ASN A 443 -0.31 3.59 -0.96
CA ASN A 443 -0.93 2.57 -1.80
C ASN A 443 -1.68 3.20 -2.98
N GLY A 444 -2.39 4.30 -2.74
CA GLY A 444 -3.04 5.02 -3.82
C GLY A 444 -2.09 5.61 -4.85
N ILE A 445 -0.98 6.17 -4.39
CA ILE A 445 0.02 6.71 -5.32
C ILE A 445 0.56 5.59 -6.20
N ALA A 446 0.88 4.44 -5.59
CA ALA A 446 1.32 3.30 -6.38
C ALA A 446 0.25 2.85 -7.37
N ALA A 447 -1.00 2.83 -6.91
CA ALA A 447 -2.13 2.40 -7.73
C ALA A 447 -2.33 3.32 -8.93
N PHE A 448 -2.02 4.61 -8.79
CA PHE A 448 -2.12 5.52 -9.93
C PHE A 448 -1.38 4.95 -11.14
N GLY A 449 -0.19 4.42 -10.89
CA GLY A 449 0.64 3.85 -11.94
C GLY A 449 1.74 4.81 -12.36
N ALA A 450 2.03 4.83 -13.66
CA ALA A 450 3.09 5.66 -14.20
C ALA A 450 4.44 5.43 -13.50
N ASN A 451 4.67 4.20 -13.05
CA ASN A 451 5.90 3.80 -12.42
C ASN A 451 6.23 4.56 -11.14
N TYR A 452 5.25 5.18 -10.47
CA TYR A 452 5.55 5.87 -9.22
C TYR A 452 6.18 4.91 -8.21
N LYS A 453 7.31 5.34 -7.63
CA LYS A 453 8.04 4.62 -6.61
C LYS A 453 8.05 5.53 -5.41
N ASN A 454 7.09 5.32 -4.49
CA ASN A 454 6.86 6.31 -3.45
C ASN A 454 7.14 5.77 -2.06
N TYR A 455 7.51 6.69 -1.17
CA TYR A 455 8.01 6.30 0.14
C TYR A 455 7.42 7.17 1.24
N GLY A 456 7.51 6.67 2.47
CA GLY A 456 6.95 7.34 3.64
C GLY A 456 7.81 7.05 4.85
N GLY A 457 8.22 8.11 5.54
CA GLY A 457 9.06 7.98 6.72
C GLY A 457 8.30 8.06 8.04
N THR A 458 8.69 7.19 8.95
CA THR A 458 8.33 7.33 10.36
C THR A 458 9.32 6.50 11.17
N PHE A 459 9.17 6.50 12.48
CA PHE A 459 9.94 5.56 13.28
C PHE A 459 9.40 4.16 13.09
N LEU A 460 10.28 3.16 13.06
CA LEU A 460 9.84 1.77 12.87
C LEU A 460 8.72 1.40 13.83
N ASN A 461 8.82 1.82 15.09
CA ASN A 461 7.79 1.41 16.05
C ASN A 461 6.40 1.93 15.70
N PHE A 462 6.34 3.06 14.98
CA PHE A 462 5.06 3.65 14.60
C PHE A 462 4.59 3.27 13.20
N VAL A 463 5.38 2.50 12.47
CA VAL A 463 4.82 1.81 11.29
C VAL A 463 3.64 0.95 11.74
N SER A 464 3.71 0.44 12.98
CA SER A 464 2.61 -0.35 13.53
C SER A 464 1.27 0.36 13.57
N TYR A 465 1.27 1.69 13.69
CA TYR A 465 0.01 2.47 13.62
C TYR A 465 -0.70 2.29 12.28
N ALA A 466 0.08 1.94 11.25
CA ALA A 466 -0.38 1.82 9.87
C ALA A 466 -0.53 0.38 9.41
N ALA A 467 -0.52 -0.59 10.33
CA ALA A 467 -0.60 -2.00 9.94
C ALA A 467 -1.75 -2.31 9.00
N GLY A 468 -2.91 -1.68 9.20
CA GLY A 468 -4.06 -1.93 8.30
C GLY A 468 -3.71 -1.73 6.83
N ALA A 469 -3.02 -0.63 6.55
CA ALA A 469 -2.57 -0.30 5.20
C ALA A 469 -1.37 -1.10 4.75
N VAL A 470 -0.42 -1.35 5.65
CA VAL A 470 0.80 -2.08 5.28
C VAL A 470 0.45 -3.47 4.77
N ARG A 471 -0.46 -4.15 5.47
CA ARG A 471 -0.85 -5.47 5.05
C ARG A 471 -1.49 -5.44 3.67
N LEU A 472 -2.26 -4.40 3.40
CA LEU A 472 -2.85 -4.23 2.08
C LEU A 472 -1.80 -3.90 1.02
N SER A 473 -0.71 -3.23 1.36
CA SER A 473 0.38 -3.08 0.39
C SER A 473 0.89 -4.45 -0.08
N ALA A 474 1.01 -5.38 0.87
CA ALA A 474 1.47 -6.73 0.59
C ALA A 474 0.47 -7.50 -0.25
N LEU A 475 -0.79 -7.51 0.16
CA LEU A 475 -1.86 -8.24 -0.55
C LEU A 475 -2.09 -7.65 -1.94
N SER A 476 -1.96 -6.34 -2.08
CA SER A 476 -2.20 -5.64 -3.34
C SER A 476 -0.99 -5.65 -4.25
N GLU A 477 0.16 -6.07 -3.74
CA GLU A 477 1.39 -6.15 -4.51
C GLU A 477 1.86 -4.78 -5.01
N PHE A 478 1.80 -3.79 -4.12
CA PHE A 478 2.26 -2.45 -4.46
C PHE A 478 3.70 -2.17 -3.99
N PRO A 479 4.52 -1.62 -4.88
CA PRO A 479 5.92 -1.31 -4.56
C PRO A 479 6.05 0.04 -3.85
N ILE A 480 5.56 0.06 -2.61
CA ILE A 480 5.71 1.20 -1.73
C ILE A 480 6.89 0.94 -0.79
N THR A 481 7.40 2.00 -0.18
CA THR A 481 8.57 1.88 0.71
C THR A 481 8.39 2.69 1.98
N TRP A 482 8.54 2.02 3.12
CA TRP A 482 8.59 2.69 4.40
C TRP A 482 10.05 2.95 4.77
N VAL A 483 10.36 4.20 5.10
CA VAL A 483 11.69 4.61 5.56
C VAL A 483 11.55 4.68 7.08
N ALA A 484 11.89 3.56 7.73
CA ALA A 484 11.48 3.29 9.11
C ALA A 484 12.69 3.37 10.03
N THR A 485 12.95 4.59 10.50
CA THR A 485 14.18 4.85 11.25
C THR A 485 14.01 4.54 12.73
N HIS A 486 15.08 4.71 13.50
CA HIS A 486 15.03 4.52 14.94
C HIS A 486 14.58 3.08 15.26
N ASP A 487 15.29 2.14 14.65
CA ASP A 487 14.81 0.75 14.57
C ASP A 487 14.86 -0.06 15.85
N SER A 488 15.54 0.39 16.90
CA SER A 488 15.76 -0.50 18.05
C SER A 488 16.06 0.28 19.30
N ILE A 489 16.40 -0.43 20.36
CA ILE A 489 17.00 0.15 21.56
C ILE A 489 18.19 1.07 21.28
N GLY A 490 18.82 0.94 20.11
CA GLY A 490 19.84 1.89 19.67
C GLY A 490 19.40 3.34 19.65
N LEU A 491 18.08 3.60 19.62
CA LEU A 491 17.61 4.98 19.69
C LEU A 491 17.81 5.60 21.08
N GLY A 492 17.91 4.78 22.13
CA GLY A 492 18.27 5.31 23.43
C GLY A 492 17.13 5.91 24.26
N GLU A 493 17.27 7.20 24.56
CA GLU A 493 16.57 7.82 25.67
C GLU A 493 15.06 7.88 25.53
N ASP A 494 14.52 7.94 24.31
CA ASP A 494 13.06 7.99 24.18
C ASP A 494 12.39 6.77 24.82
N GLY A 495 13.07 5.64 24.92
CA GLY A 495 12.61 4.56 25.78
C GLY A 495 11.66 3.57 25.15
N PRO A 496 11.07 2.70 25.99
CA PRO A 496 10.39 1.51 25.47
C PRO A 496 9.13 1.78 24.68
N THR A 497 8.49 2.93 24.86
CA THR A 497 7.34 3.26 24.03
C THR A 497 7.71 3.54 22.58
N HIS A 498 9.00 3.74 22.32
CA HIS A 498 9.52 4.04 21.00
C HIS A 498 10.35 2.92 20.39
N GLN A 499 10.76 1.92 21.19
CA GLN A 499 11.77 0.93 20.77
C GLN A 499 11.08 -0.34 20.28
N PRO A 500 11.20 -0.66 18.98
CA PRO A 500 10.61 -1.90 18.43
C PRO A 500 11.15 -3.16 19.10
N ILE A 501 10.24 -4.12 19.27
CA ILE A 501 10.58 -5.47 19.74
C ILE A 501 9.96 -6.49 18.79
N GLU A 502 8.66 -6.36 18.60
CA GLU A 502 7.83 -7.29 17.82
C GLU A 502 7.72 -6.92 16.35
N THR A 503 8.20 -5.73 15.98
CA THR A 503 7.77 -5.08 14.75
C THR A 503 8.29 -5.80 13.50
N LEU A 504 9.56 -6.17 13.49
CA LEU A 504 10.09 -6.90 12.35
C LEU A 504 9.46 -8.28 12.21
N ALA A 505 9.23 -8.95 13.33
CA ALA A 505 8.59 -10.26 13.27
C ALA A 505 7.20 -10.15 12.64
N HIS A 506 6.45 -9.14 13.07
CA HIS A 506 5.12 -8.90 12.53
C HIS A 506 5.13 -8.77 11.00
N PHE A 507 5.99 -7.91 10.49
CA PHE A 507 5.99 -7.67 9.05
C PHE A 507 6.67 -8.78 8.25
N ARG A 508 7.70 -9.41 8.82
CA ARG A 508 8.30 -10.57 8.17
C ARG A 508 7.34 -11.76 8.08
N ALA A 509 6.43 -11.87 9.05
CA ALA A 509 5.42 -12.92 9.07
C ALA A 509 4.27 -12.65 8.11
N THR A 510 4.20 -11.42 7.60
CA THR A 510 3.20 -11.07 6.61
C THR A 510 3.72 -11.50 5.24
N PRO A 511 2.92 -12.23 4.44
CA PRO A 511 3.40 -12.58 3.10
C PRO A 511 3.75 -11.35 2.29
N ASN A 512 4.79 -11.46 1.48
CA ASN A 512 5.13 -10.44 0.48
C ASN A 512 5.50 -9.08 1.04
N ILE A 513 6.29 -9.05 2.13
CA ILE A 513 6.94 -7.83 2.57
C ILE A 513 8.45 -8.04 2.67
N SER A 514 9.20 -7.26 1.90
N SER A 514 9.18 -7.23 1.92
CA SER A 514 10.66 -7.20 2.05
CA SER A 514 10.63 -7.18 2.00
C SER A 514 11.01 -6.27 3.18
C SER A 514 10.96 -6.28 3.19
N VAL A 515 11.68 -6.82 4.19
CA VAL A 515 12.02 -6.06 5.40
C VAL A 515 13.54 -5.98 5.46
N TRP A 516 14.06 -4.87 4.92
CA TRP A 516 15.49 -4.65 4.85
C TRP A 516 15.97 -4.02 6.14
N ARG A 517 17.06 -4.53 6.69
CA ARG A 517 17.68 -3.97 7.88
C ARG A 517 19.18 -3.83 7.58
N PRO A 518 19.53 -2.82 6.77
CA PRO A 518 20.91 -2.76 6.28
C PRO A 518 21.90 -2.43 7.37
N ALA A 519 23.09 -3.01 7.26
CA ALA A 519 24.13 -2.82 8.28
C ALA A 519 25.02 -1.62 8.05
N ASP A 520 25.14 -1.16 6.81
CA ASP A 520 26.14 -0.15 6.48
C ASP A 520 25.80 0.54 5.18
N GLY A 521 26.73 1.34 4.67
CA GLY A 521 26.48 2.09 3.45
C GLY A 521 26.16 1.23 2.24
N ASN A 522 26.96 0.22 1.97
CA ASN A 522 26.68 -0.63 0.82
C ASN A 522 25.37 -1.36 0.94
N GLU A 523 25.05 -1.86 2.14
CA GLU A 523 23.77 -2.56 2.29
C GLU A 523 22.58 -1.62 2.15
N THR A 524 22.73 -0.38 2.57
CA THR A 524 21.65 0.60 2.44
C THR A 524 21.37 0.91 0.98
N SER A 525 22.43 0.99 0.17
CA SER A 525 22.24 1.16 -1.27
C SER A 525 21.55 -0.06 -1.90
N ALA A 526 21.93 -1.26 -1.48
CA ALA A 526 21.24 -2.47 -1.97
C ALA A 526 19.76 -2.46 -1.59
N ALA A 527 19.46 -2.01 -0.38
CA ALA A 527 18.08 -1.97 0.07
C ALA A 527 17.24 -1.04 -0.82
N TYR A 528 17.77 0.13 -1.13
CA TYR A 528 17.09 1.04 -2.03
C TYR A 528 17.03 0.52 -3.46
N LYS A 529 18.06 -0.16 -3.93
CA LYS A 529 17.98 -0.76 -5.26
C LYS A 529 16.78 -1.69 -5.35
N SER A 530 16.62 -2.52 -4.32
CA SER A 530 15.49 -3.45 -4.27
C SER A 530 14.16 -2.70 -4.18
N ALA A 531 14.09 -1.69 -3.31
CA ALA A 531 12.84 -0.96 -3.09
C ALA A 531 12.36 -0.23 -4.33
N ILE A 532 13.29 0.38 -5.07
CA ILE A 532 12.95 1.16 -6.24
C ILE A 532 12.68 0.28 -7.45
N GLU A 533 13.42 -0.82 -7.59
CA GLU A 533 13.18 -1.76 -8.68
C GLU A 533 11.92 -2.57 -8.50
N SER A 534 11.41 -2.65 -7.27
CA SER A 534 10.23 -3.44 -7.00
C SER A 534 9.06 -3.04 -7.88
N THR A 535 8.33 -4.04 -8.35
CA THR A 535 7.04 -3.83 -9.01
C THR A 535 5.88 -4.48 -8.29
N HIS A 536 6.14 -5.46 -7.41
CA HIS A 536 5.04 -6.19 -6.77
C HIS A 536 5.23 -6.44 -5.28
N THR A 537 6.23 -5.83 -4.64
CA THR A 537 6.53 -6.17 -3.25
C THR A 537 6.83 -4.91 -2.45
N PRO A 538 6.01 -4.61 -1.43
CA PRO A 538 6.33 -3.47 -0.59
C PRO A 538 7.57 -3.72 0.24
N HIS A 539 8.25 -2.63 0.55
CA HIS A 539 9.50 -2.64 1.30
C HIS A 539 9.37 -1.83 2.58
N ILE A 540 9.96 -2.37 3.66
CA ILE A 540 10.19 -1.61 4.87
C ILE A 540 11.70 -1.59 5.09
N LEU A 541 12.26 -0.39 5.19
CA LEU A 541 13.70 -0.23 5.44
C LEU A 541 13.86 0.18 6.90
N ALA A 542 14.36 -0.75 7.71
CA ALA A 542 14.59 -0.54 9.14
C ALA A 542 15.98 0.06 9.31
N LEU A 543 16.03 1.33 9.74
CA LEU A 543 17.23 2.16 9.73
C LEU A 543 17.55 2.65 11.14
N THR A 544 18.84 2.92 11.37
CA THR A 544 19.29 3.26 12.70
C THR A 544 19.32 4.75 12.96
N ARG A 545 19.11 5.10 14.23
CA ARG A 545 19.46 6.43 14.73
C ARG A 545 20.98 6.58 14.84
N GLN A 546 21.63 5.53 15.34
CA GLN A 546 23.03 5.56 15.75
C GLN A 546 23.99 5.20 14.62
N ASN A 547 25.22 5.68 14.73
CA ASN A 547 26.24 5.41 13.74
C ASN A 547 26.69 3.94 13.72
N LEU A 548 26.97 3.43 12.53
CA LEU A 548 27.52 2.07 12.33
C LEU A 548 28.72 2.14 11.41
N PRO A 549 29.70 1.25 11.62
CA PRO A 549 30.89 1.26 10.76
C PRO A 549 30.62 0.70 9.37
N GLN A 550 31.44 1.10 8.40
CA GLN A 550 31.44 0.44 7.10
C GLN A 550 32.10 -0.93 7.25
N LEU A 551 31.47 -1.98 6.73
CA LEU A 551 31.96 -3.33 6.95
C LEU A 551 32.95 -3.80 5.91
N GLU A 552 33.99 -4.50 6.37
CA GLU A 552 34.85 -5.25 5.47
C GLU A 552 34.04 -6.41 4.89
N GLY A 553 33.91 -6.46 3.57
CA GLY A 553 33.21 -7.54 2.90
C GLY A 553 31.83 -7.21 2.37
N SER A 554 31.29 -6.03 2.68
CA SER A 554 29.98 -5.68 2.14
C SER A 554 30.11 -5.09 0.75
N SER A 555 29.03 -5.24 -0.02
CA SER A 555 28.92 -4.64 -1.35
C SER A 555 27.45 -4.60 -1.70
N ILE A 556 27.11 -3.73 -2.65
CA ILE A 556 25.77 -3.75 -3.20
C ILE A 556 25.48 -5.12 -3.83
N GLU A 557 26.44 -5.66 -4.59
CA GLU A 557 26.22 -6.95 -5.25
C GLU A 557 25.84 -8.04 -4.26
N LYS A 558 26.64 -8.20 -3.20
CA LYS A 558 26.37 -9.29 -2.26
C LYS A 558 25.10 -9.02 -1.45
N ALA A 559 24.90 -7.79 -1.00
CA ALA A 559 23.71 -7.49 -0.20
C ALA A 559 22.42 -7.62 -1.01
N SER A 560 22.51 -7.48 -2.33
CA SER A 560 21.33 -7.64 -3.19
CA SER A 560 21.34 -7.65 -3.20
C SER A 560 20.78 -9.06 -3.19
N LYS A 561 21.55 -10.03 -2.69
N LYS A 561 21.54 -10.03 -2.69
CA LYS A 561 21.07 -11.40 -2.52
CA LYS A 561 21.06 -11.40 -2.54
C LYS A 561 20.25 -11.61 -1.25
C LYS A 561 20.24 -11.60 -1.27
N GLY A 562 20.09 -10.56 -0.45
CA GLY A 562 19.28 -10.62 0.78
C GLY A 562 20.02 -11.18 1.98
N GLY A 563 20.81 -12.22 1.76
CA GLY A 563 21.71 -12.75 2.76
C GLY A 563 22.99 -13.16 2.08
N TYR A 564 24.12 -12.97 2.75
CA TYR A 564 25.41 -13.31 2.16
C TYR A 564 26.43 -13.57 3.24
N THR A 565 27.48 -14.27 2.86
CA THR A 565 28.60 -14.52 3.77
C THR A 565 29.47 -13.28 3.80
N LEU A 566 29.51 -12.63 4.95
CA LEU A 566 30.34 -11.46 5.15
C LEU A 566 31.78 -11.86 5.46
N VAL A 567 31.93 -12.74 6.45
CA VAL A 567 33.23 -13.29 6.83
C VAL A 567 33.13 -14.80 6.66
N GLN A 568 33.88 -15.32 5.68
CA GLN A 568 33.96 -16.75 5.42
C GLN A 568 35.04 -17.36 6.30
N GLN A 569 34.70 -18.46 6.96
CA GLN A 569 35.63 -19.21 7.78
C GLN A 569 35.48 -20.67 7.43
N ASP A 570 36.40 -21.21 6.63
CA ASP A 570 36.30 -22.60 6.18
C ASP A 570 36.35 -23.63 7.30
N LYS A 571 36.92 -23.27 8.44
CA LYS A 571 36.92 -24.23 9.57
C LYS A 571 36.09 -23.69 10.71
N ALA A 572 34.91 -23.18 10.39
CA ALA A 572 34.09 -22.53 11.40
C ALA A 572 33.59 -23.54 12.43
N ASP A 573 33.74 -23.16 13.69
CA ASP A 573 33.05 -23.83 14.80
C ASP A 573 31.61 -23.36 14.94
N ILE A 574 31.33 -22.15 14.44
CA ILE A 574 30.02 -21.55 14.53
C ILE A 574 29.93 -20.47 13.45
N ILE A 575 28.71 -20.24 12.96
CA ILE A 575 28.41 -19.10 12.11
C ILE A 575 27.45 -18.22 12.89
N ILE A 576 27.74 -16.92 12.91
CA ILE A 576 26.85 -15.93 13.51
C ILE A 576 26.12 -15.23 12.37
N VAL A 577 24.79 -15.31 12.36
CA VAL A 577 23.97 -14.61 11.38
C VAL A 577 23.33 -13.42 12.07
N ALA A 578 23.41 -12.24 11.45
CA ALA A 578 22.96 -11.02 12.07
C ALA A 578 22.42 -10.07 11.01
N THR A 579 21.76 -9.01 11.50
CA THR A 579 21.24 -7.95 10.64
C THR A 579 21.62 -6.60 11.20
N GLY A 580 21.62 -5.60 10.33
CA GLY A 580 21.67 -4.21 10.73
C GLY A 580 22.80 -3.93 11.70
N SER A 581 22.47 -3.22 12.78
CA SER A 581 23.45 -2.84 13.79
C SER A 581 24.15 -4.02 14.46
N GLU A 582 23.56 -5.22 14.38
CA GLU A 582 24.16 -6.38 15.04
C GLU A 582 25.21 -7.10 14.17
N VAL A 583 25.37 -6.71 12.91
CA VAL A 583 26.43 -7.31 12.10
C VAL A 583 27.81 -6.88 12.61
N SER A 584 27.97 -5.57 12.86
CA SER A 584 29.22 -5.08 13.43
C SER A 584 29.50 -5.73 14.79
N LEU A 585 28.45 -5.93 15.57
CA LEU A 585 28.57 -6.61 16.85
C LEU A 585 29.08 -8.05 16.67
N ALA A 586 28.53 -8.75 15.69
CA ALA A 586 28.98 -10.11 15.37
C ALA A 586 30.45 -10.15 14.97
N VAL A 587 30.86 -9.19 14.15
CA VAL A 587 32.27 -9.11 13.73
C VAL A 587 33.18 -8.89 14.95
N ASP A 588 32.78 -8.00 15.86
CA ASP A 588 33.57 -7.81 17.09
C ASP A 588 33.56 -9.08 17.97
N ALA A 589 32.43 -9.79 18.02
CA ALA A 589 32.36 -11.04 18.77
C ALA A 589 33.27 -12.11 18.19
N LEU A 590 33.41 -12.13 16.87
CA LEU A 590 34.31 -13.07 16.20
C LEU A 590 35.74 -12.91 16.75
N LYS A 591 36.17 -11.66 16.95
CA LYS A 591 37.50 -11.41 17.49
C LYS A 591 37.63 -11.91 18.94
N VAL A 592 36.62 -11.66 19.77
CA VAL A 592 36.62 -12.19 21.14
C VAL A 592 36.71 -13.73 21.12
N LEU A 593 35.92 -14.35 20.25
CA LEU A 593 35.90 -15.80 20.14
C LEU A 593 37.24 -16.37 19.73
N GLU A 594 37.95 -15.68 18.83
CA GLU A 594 39.28 -16.09 18.41
C GLU A 594 40.21 -16.25 19.63
N GLY A 595 40.12 -15.33 20.60
CA GLY A 595 40.88 -15.42 21.87
C GLY A 595 40.49 -16.59 22.78
N GLN A 596 39.26 -17.05 22.54
CA GLN A 596 38.75 -18.21 23.31
C GLN A 596 39.02 -19.54 22.53
N GLY A 597 39.72 -19.46 21.40
CA GLY A 597 39.99 -20.62 20.55
C GLY A 597 38.83 -21.11 19.71
N ILE A 598 37.87 -20.23 19.43
CA ILE A 598 36.69 -20.56 18.65
C ILE A 598 36.72 -19.75 17.37
N LYS A 599 36.57 -20.43 16.23
CA LYS A 599 36.56 -19.81 14.91
C LYS A 599 35.13 -19.59 14.44
N ALA A 600 34.78 -18.34 14.15
CA ALA A 600 33.45 -18.01 13.70
C ALA A 600 33.46 -17.45 12.29
N GLY A 601 32.38 -17.73 11.56
CA GLY A 601 32.02 -16.99 10.36
C GLY A 601 30.89 -16.02 10.68
N VAL A 602 30.70 -15.04 9.78
CA VAL A 602 29.59 -14.10 9.92
C VAL A 602 28.79 -14.03 8.63
N VAL A 603 27.47 -14.13 8.77
CA VAL A 603 26.51 -13.91 7.70
C VAL A 603 25.74 -12.63 8.01
N SER A 604 25.58 -11.80 6.99
CA SER A 604 24.68 -10.65 7.07
C SER A 604 23.40 -10.98 6.30
N LEU A 605 22.25 -10.73 6.93
CA LEU A 605 20.96 -11.10 6.36
C LEU A 605 20.06 -9.86 6.24
N PRO A 606 20.45 -8.91 5.38
CA PRO A 606 19.70 -7.65 5.33
C PRO A 606 18.23 -7.78 4.90
N ASP A 607 17.84 -8.77 4.10
CA ASP A 607 16.42 -9.00 3.85
C ASP A 607 16.12 -10.48 3.76
N GLN A 608 15.32 -10.96 4.72
CA GLN A 608 14.96 -12.36 4.75
C GLN A 608 14.13 -12.79 3.53
N LEU A 609 13.23 -11.94 3.04
CA LEU A 609 12.41 -12.31 1.89
C LEU A 609 13.27 -12.49 0.64
N THR A 610 14.12 -11.50 0.35
CA THR A 610 15.01 -11.60 -0.81
C THR A 610 15.89 -12.84 -0.69
N PHE A 611 16.41 -13.10 0.51
CA PHE A 611 17.23 -14.30 0.72
C PHE A 611 16.44 -15.57 0.41
N ASP A 612 15.22 -15.64 0.94
CA ASP A 612 14.38 -16.82 0.74
C ASP A 612 14.15 -17.13 -0.74
N LYS A 613 14.09 -16.08 -1.56
CA LYS A 613 13.85 -16.22 -2.99
C LYS A 613 15.07 -16.68 -3.79
N GLN A 614 16.25 -16.72 -3.17
CA GLN A 614 17.45 -17.22 -3.85
C GLN A 614 17.36 -18.73 -4.04
N SER A 615 18.24 -19.27 -4.87
CA SER A 615 18.27 -20.71 -5.09
C SER A 615 18.61 -21.46 -3.81
N GLU A 616 18.18 -22.71 -3.74
CA GLU A 616 18.50 -23.54 -2.60
C GLU A 616 20.01 -23.69 -2.42
N GLU A 617 20.74 -23.83 -3.53
CA GLU A 617 22.18 -23.96 -3.47
C GLU A 617 22.82 -22.68 -2.95
N TYR A 618 22.36 -21.51 -3.43
CA TYR A 618 22.89 -20.26 -2.91
C TYR A 618 22.65 -20.16 -1.40
N LYS A 619 21.42 -20.44 -0.98
CA LYS A 619 21.09 -20.33 0.44
C LYS A 619 21.96 -21.25 1.31
N LEU A 620 22.16 -22.49 0.84
N LEU A 620 22.16 -22.48 0.84
CA LEU A 620 23.02 -23.44 1.54
CA LEU A 620 23.01 -23.44 1.57
C LEU A 620 24.49 -22.99 1.62
C LEU A 620 24.49 -23.04 1.58
N SER A 621 24.96 -22.27 0.59
CA SER A 621 26.32 -21.72 0.61
C SER A 621 26.51 -20.69 1.73
N VAL A 622 25.41 -20.04 2.12
CA VAL A 622 25.41 -19.04 3.18
C VAL A 622 25.17 -19.71 4.55
N LEU A 623 24.26 -20.68 4.59
CA LEU A 623 23.89 -21.38 5.84
C LEU A 623 24.09 -22.88 5.62
N PRO A 624 25.35 -23.33 5.65
CA PRO A 624 25.64 -24.73 5.32
C PRO A 624 25.23 -25.72 6.40
N ASP A 625 25.22 -26.99 6.01
CA ASP A 625 25.14 -28.09 6.98
C ASP A 625 26.44 -28.19 7.78
N GLY A 626 26.36 -28.87 8.92
CA GLY A 626 27.53 -29.28 9.67
C GLY A 626 28.16 -28.25 10.58
N VAL A 627 27.45 -27.15 10.86
CA VAL A 627 27.98 -26.10 11.72
C VAL A 627 26.84 -25.43 12.47
N PRO A 628 26.98 -25.28 13.79
CA PRO A 628 25.95 -24.52 14.51
C PRO A 628 25.87 -23.08 14.04
N ILE A 629 24.66 -22.54 14.06
CA ILE A 629 24.40 -21.19 13.60
C ILE A 629 23.63 -20.47 14.71
N LEU A 630 24.15 -19.31 15.11
CA LEU A 630 23.56 -18.44 16.13
C LEU A 630 23.09 -17.14 15.46
N SER A 631 21.82 -16.78 15.66
CA SER A 631 21.35 -15.47 15.22
C SER A 631 21.51 -14.41 16.30
N VAL A 632 21.77 -13.17 15.85
CA VAL A 632 21.89 -12.02 16.74
C VAL A 632 21.15 -10.84 16.12
N GLU A 633 20.12 -10.36 16.80
CA GLU A 633 19.33 -9.20 16.35
C GLU A 633 18.61 -8.71 17.60
N VAL A 634 18.68 -7.40 17.91
N VAL A 634 18.66 -7.41 17.86
CA VAL A 634 18.16 -6.89 19.21
CA VAL A 634 18.25 -6.89 19.16
C VAL A 634 16.64 -6.68 19.26
C VAL A 634 16.74 -6.61 19.23
N MET A 635 15.92 -7.68 18.77
N MET A 635 15.96 -7.63 18.88
CA MET A 635 14.48 -7.64 18.69
CA MET A 635 14.50 -7.60 18.96
C MET A 635 14.01 -9.07 18.85
C MET A 635 14.00 -9.06 18.89
N SER A 636 12.72 -9.30 18.64
CA SER A 636 12.13 -10.63 18.80
C SER A 636 12.94 -11.71 18.10
N THR A 637 13.01 -12.87 18.73
CA THR A 637 13.59 -14.04 18.09
C THR A 637 12.64 -14.77 17.13
N PHE A 638 11.38 -14.34 17.01
CA PHE A 638 10.45 -15.02 16.11
C PHE A 638 10.96 -14.96 14.67
N GLY A 639 10.82 -16.10 13.98
CA GLY A 639 11.25 -16.23 12.59
C GLY A 639 12.69 -16.73 12.46
N TRP A 640 13.53 -16.46 13.46
CA TRP A 640 14.95 -16.66 13.30
C TRP A 640 15.37 -18.12 13.21
N SER A 641 14.56 -19.04 13.72
CA SER A 641 14.82 -20.45 13.56
C SER A 641 14.79 -20.93 12.11
N LYS A 642 14.28 -20.12 11.18
CA LYS A 642 14.42 -20.43 9.75
C LYS A 642 15.90 -20.49 9.34
N TYR A 643 16.75 -19.74 10.06
CA TYR A 643 18.12 -19.47 9.63
C TYR A 643 19.18 -19.86 10.64
N SER A 644 18.77 -20.32 11.83
CA SER A 644 19.69 -20.53 12.93
C SER A 644 19.22 -21.66 13.81
N HIS A 645 20.15 -22.22 14.56
CA HIS A 645 19.86 -23.24 15.56
C HIS A 645 19.54 -22.63 16.92
N GLN A 646 20.24 -21.56 17.27
CA GLN A 646 20.02 -20.83 18.53
C GLN A 646 19.86 -19.36 18.18
N GLN A 647 19.11 -18.64 19.01
CA GLN A 647 18.79 -17.24 18.74
C GLN A 647 19.06 -16.37 19.95
N PHE A 648 19.88 -15.35 19.76
CA PHE A 648 20.08 -14.31 20.76
C PHE A 648 19.32 -13.08 20.30
N GLY A 649 18.22 -12.79 20.97
CA GLY A 649 17.40 -11.64 20.67
C GLY A 649 16.91 -10.97 21.93
N LEU A 650 15.98 -10.04 21.75
CA LEU A 650 15.40 -9.28 22.84
C LEU A 650 13.90 -9.49 22.78
N ASN A 651 13.37 -10.21 23.77
CA ASN A 651 11.96 -10.61 23.84
C ASN A 651 11.23 -9.97 25.02
N ARG A 652 11.77 -8.85 25.49
CA ARG A 652 11.16 -8.02 26.53
C ARG A 652 11.21 -6.58 26.02
N PHE A 653 10.45 -5.70 26.66
CA PHE A 653 10.48 -4.29 26.29
C PHE A 653 11.83 -3.66 26.66
N GLY A 654 12.09 -2.50 26.06
CA GLY A 654 13.36 -1.81 26.24
C GLY A 654 13.44 -0.98 27.50
N ALA A 655 14.13 0.15 27.39
CA ALA A 655 14.47 0.96 28.54
C ALA A 655 14.81 2.37 28.08
N SER A 656 14.67 3.35 28.97
CA SER A 656 15.05 4.71 28.69
C SER A 656 16.42 5.02 29.27
N GLY A 657 17.41 5.19 28.40
CA GLY A 657 18.78 5.51 28.81
C GLY A 657 19.63 5.72 27.59
N LYS A 658 20.89 6.06 27.81
CA LYS A 658 21.85 6.17 26.71
C LYS A 658 21.97 4.81 26.04
N ALA A 659 21.90 4.78 24.71
CA ALA A 659 21.83 3.52 23.99
C ALA A 659 22.94 2.51 24.35
N PRO A 660 24.22 2.93 24.44
CA PRO A 660 25.26 1.93 24.77
C PRO A 660 25.02 1.24 26.11
N GLU A 661 24.44 1.97 27.07
CA GLU A 661 24.12 1.40 28.37
C GLU A 661 23.01 0.37 28.30
N ILE A 662 22.06 0.60 27.40
CA ILE A 662 20.99 -0.38 27.18
C ILE A 662 21.54 -1.66 26.55
N PHE A 663 22.39 -1.51 25.53
CA PHE A 663 23.05 -2.68 24.94
C PHE A 663 23.82 -3.46 26.00
N LYS A 664 24.56 -2.75 26.86
CA LYS A 664 25.30 -3.41 27.93
C LYS A 664 24.36 -4.13 28.90
N LEU A 665 23.26 -3.48 29.29
CA LEU A 665 22.29 -4.10 30.19
C LEU A 665 21.80 -5.46 29.69
N PHE A 666 21.49 -5.52 28.40
CA PHE A 666 20.96 -6.73 27.80
C PHE A 666 22.04 -7.67 27.23
N GLU A 667 23.32 -7.33 27.45
CA GLU A 667 24.47 -8.17 27.08
C GLU A 667 24.65 -8.31 25.57
N PHE A 668 24.13 -7.33 24.81
CA PHE A 668 24.43 -7.23 23.37
C PHE A 668 25.75 -6.50 23.22
N THR A 669 26.80 -7.22 23.60
CA THR A 669 28.17 -6.75 23.62
C THR A 669 29.03 -7.84 22.97
N PRO A 670 30.25 -7.50 22.54
CA PRO A 670 31.06 -8.56 21.95
C PRO A 670 31.26 -9.76 22.89
N GLU A 671 31.43 -9.49 24.18
CA GLU A 671 31.62 -10.55 25.16
C GLU A 671 30.32 -11.33 25.40
N GLY A 672 29.18 -10.63 25.42
CA GLY A 672 27.90 -11.30 25.61
C GLY A 672 27.54 -12.22 24.46
N VAL A 673 27.80 -11.76 23.24
CA VAL A 673 27.59 -12.58 22.06
C VAL A 673 28.56 -13.76 22.06
N ALA A 674 29.82 -13.51 22.37
CA ALA A 674 30.81 -14.59 22.40
C ALA A 674 30.42 -15.65 23.42
N GLU A 675 29.93 -15.24 24.58
CA GLU A 675 29.54 -16.20 25.61
C GLU A 675 28.46 -17.14 25.09
N ARG A 676 27.47 -16.56 24.41
CA ARG A 676 26.36 -17.35 23.87
C ARG A 676 26.80 -18.22 22.70
N ALA A 677 27.72 -17.70 21.89
CA ALA A 677 28.33 -18.51 20.82
C ALA A 677 29.09 -19.70 21.38
N ALA A 678 29.89 -19.49 22.41
CA ALA A 678 30.62 -20.58 23.05
C ALA A 678 29.66 -21.62 23.64
N LYS A 679 28.59 -21.15 24.28
CA LYS A 679 27.58 -22.08 24.79
C LYS A 679 26.91 -22.87 23.68
N THR A 680 26.70 -22.23 22.53
CA THR A 680 26.11 -22.91 21.37
C THR A 680 27.04 -24.01 20.83
N VAL A 681 28.32 -23.70 20.70
CA VAL A 681 29.32 -24.69 20.28
C VAL A 681 29.28 -25.88 21.25
N ALA A 682 29.30 -25.60 22.55
CA ALA A 682 29.29 -26.68 23.55
C ALA A 682 28.01 -27.52 23.49
N PHE A 683 26.87 -26.86 23.27
CA PHE A 683 25.57 -27.54 23.20
C PHE A 683 25.50 -28.58 22.07
N TYR A 684 26.20 -28.31 20.97
CA TYR A 684 26.21 -29.19 19.81
C TYR A 684 27.40 -30.14 19.72
N LYS A 685 28.29 -30.11 20.73
CA LYS A 685 29.40 -31.05 20.77
C LYS A 685 28.86 -32.49 20.77
N GLY A 686 29.35 -33.31 19.85
CA GLY A 686 28.88 -34.68 19.69
C GLY A 686 27.53 -34.87 19.01
N LYS A 687 26.94 -33.78 18.50
CA LYS A 687 25.66 -33.84 17.79
C LYS A 687 25.89 -33.65 16.28
N ASP A 688 25.02 -34.27 15.47
CA ASP A 688 25.01 -34.03 14.03
C ASP A 688 24.13 -32.82 13.78
N VAL A 689 24.67 -31.84 13.06
CA VAL A 689 24.01 -30.57 12.84
C VAL A 689 23.74 -30.39 11.35
N VAL A 690 22.49 -30.15 10.97
CA VAL A 690 22.17 -29.84 9.56
C VAL A 690 21.67 -28.42 9.46
N SER A 691 21.73 -27.88 8.26
CA SER A 691 21.36 -26.50 8.06
C SER A 691 19.93 -26.25 8.56
N PRO A 692 19.69 -25.09 9.18
CA PRO A 692 18.31 -24.72 9.48
C PRO A 692 17.41 -24.64 8.24
N LEU A 693 18.01 -24.54 7.06
CA LEU A 693 17.25 -24.53 5.82
C LEU A 693 16.60 -25.87 5.47
N ARG A 694 17.07 -26.96 6.08
CA ARG A 694 16.50 -28.28 5.82
C ARG A 694 15.15 -28.40 6.52
N SER A 695 14.25 -29.16 5.93
CA SER A 695 12.98 -29.46 6.57
C SER A 695 12.43 -30.77 6.08
N ALA A 696 11.45 -31.28 6.81
CA ALA A 696 10.85 -32.57 6.52
C ALA A 696 9.85 -32.50 5.36
N PHE A 697 9.31 -31.32 5.09
CA PHE A 697 8.31 -31.12 4.04
C PHE A 697 8.25 -29.65 3.67
#